data_9QZ3
#
_entry.id   9QZ3
#
_cell.length_a   51.851
_cell.length_b   114.166
_cell.length_c   75.483
_cell.angle_alpha   90.000
_cell.angle_beta   107.370
_cell.angle_gamma   90.000
#
_symmetry.space_group_name_H-M   'P 1 21 1'
#
loop_
_entity.id
_entity.type
_entity.pdbx_description
1 polymer 'Multiple inositol polyphosphate phosphatase 1'
2 non-polymer D-MYO-INOSITOL-HEXASULPHATE
3 water water
#
_entity_poly.entity_id   1
_entity_poly.type   'polypeptide(L)'
_entity_poly.pdbx_seq_one_letter_code
;MGSSHHHHHHSSGLVPRGSHMQTKIQKYAGIAMPYPNRTDSSITFRDGMTPFYINHLGRHGARFPTSRKALDKVEKVLVS
AQQENGLTSEGMALLSMIRRLSRLFDGQWGKLSKLGETEQEGIAGRMIRNYPQLFSNSAKIEAIATYVPRSINSMDAFLS
CMIRHNPALQVQRSEGKQYNHILRFFDLNKSYVNYKEKGDWLPIYKAFVHKKISPVPIMKKFLLNPEQYLDKEAEEFVMA
LFSVAAILPDTSIPLNLEDLFTLDEWHRYWQTQNLRQYMSKSSAPVGKMLPVAIAWPLLSEFIRSAQEVISGKSDYQANF
RFAHAETVIPFVSLMGIEKTDVQVCRPDSVSVYWKDYEISPMAANVQWLFYRDRDQRIWVKILLNEEAAALPISTACFPY
YSWEKTRIFFNQRIEMAKKTLSVFNE
;
_entity_poly.pdbx_strand_id   A,B
#
loop_
_chem_comp.id
_chem_comp.type
_chem_comp.name
_chem_comp.formula
IHS non-polymer D-MYO-INOSITOL-HEXASULPHATE 'C6 H12 O24 S6'
#
# COMPACT_ATOMS: atom_id res chain seq x y z
N HIS A 20 -2.28 -9.48 11.69
CA HIS A 20 -2.45 -10.92 11.88
C HIS A 20 -1.11 -11.66 11.73
N MET A 21 -0.72 -12.37 12.79
CA MET A 21 0.53 -13.13 12.74
C MET A 21 0.45 -14.25 11.70
N GLN A 22 -0.69 -14.96 11.65
CA GLN A 22 -0.83 -16.10 10.75
C GLN A 22 -0.86 -15.68 9.29
N THR A 23 -1.40 -14.50 9.00
CA THR A 23 -1.45 -14.05 7.63
C THR A 23 -0.06 -13.65 7.14
N LYS A 24 0.69 -12.92 7.98
CA LYS A 24 2.04 -12.56 7.59
C LYS A 24 2.88 -13.81 7.37
N ILE A 25 2.72 -14.83 8.22
CA ILE A 25 3.48 -16.06 8.04
C ILE A 25 3.24 -16.66 6.66
N GLN A 26 1.97 -16.75 6.24
CA GLN A 26 1.69 -17.31 4.92
C GLN A 26 2.27 -16.42 3.82
N LYS A 27 2.19 -15.10 3.98
CA LYS A 27 2.77 -14.19 2.99
C LYS A 27 4.27 -14.41 2.84
N TYR A 28 4.94 -14.83 3.91
CA TYR A 28 6.38 -15.00 3.88
C TYR A 28 6.83 -16.23 3.09
N ALA A 29 5.90 -17.04 2.59
CA ALA A 29 6.24 -18.01 1.56
C ALA A 29 6.49 -17.36 0.21
N GLY A 30 6.28 -16.05 0.07
CA GLY A 30 6.67 -15.38 -1.16
C GLY A 30 5.90 -15.94 -2.35
N ILE A 31 6.61 -16.32 -3.41
CA ILE A 31 5.87 -16.77 -4.59
C ILE A 31 5.47 -18.24 -4.42
N ALA A 32 5.73 -18.80 -3.25
CA ALA A 32 5.12 -20.09 -2.91
C ALA A 32 3.86 -19.93 -2.07
N MET A 33 3.43 -18.71 -1.77
CA MET A 33 2.19 -18.52 -1.04
C MET A 33 1.00 -19.08 -1.81
N PRO A 34 0.12 -19.85 -1.16
CA PRO A 34 -1.10 -20.31 -1.86
C PRO A 34 -1.97 -19.12 -2.24
N TYR A 35 -2.74 -19.27 -3.30
CA TYR A 35 -3.60 -18.17 -3.71
C TYR A 35 -4.42 -17.70 -2.51
N PRO A 36 -4.58 -16.39 -2.31
CA PRO A 36 -5.26 -15.90 -1.10
C PRO A 36 -6.77 -16.08 -1.18
N ASN A 37 -7.40 -15.96 -0.01
CA ASN A 37 -8.85 -16.08 0.04
C ASN A 37 -9.50 -14.88 -0.64
N ARG A 38 -10.55 -15.16 -1.42
CA ARG A 38 -11.24 -14.16 -2.20
C ARG A 38 -12.74 -14.37 -2.08
N THR A 39 -13.51 -13.35 -2.44
CA THR A 39 -14.94 -13.33 -2.24
C THR A 39 -15.65 -12.96 -3.54
N ASP A 40 -16.88 -13.47 -3.70
CA ASP A 40 -17.75 -13.01 -4.75
C ASP A 40 -18.14 -11.55 -4.52
N SER A 41 -18.33 -10.82 -5.62
CA SER A 41 -18.83 -9.44 -5.55
C SER A 41 -17.93 -8.58 -4.68
N MET A 49 -22.08 -2.52 -13.48
CA MET A 49 -22.23 -2.83 -14.90
C MET A 49 -21.47 -4.10 -15.28
N THR A 50 -21.64 -4.54 -16.51
CA THR A 50 -21.19 -5.86 -16.92
C THR A 50 -20.18 -5.76 -18.06
N PRO A 51 -19.04 -6.45 -17.97
CA PRO A 51 -18.04 -6.32 -19.03
C PRO A 51 -18.44 -7.14 -20.25
N PHE A 52 -17.91 -6.72 -21.39
CA PHE A 52 -18.12 -7.43 -22.64
C PHE A 52 -16.93 -8.29 -23.03
N TYR A 53 -15.82 -8.21 -22.28
CA TYR A 53 -14.62 -8.99 -22.60
C TYR A 53 -13.71 -9.06 -21.39
N ILE A 54 -13.07 -10.21 -21.19
CA ILE A 54 -12.07 -10.38 -20.14
C ILE A 54 -10.81 -10.93 -20.77
N ASN A 55 -9.67 -10.30 -20.48
CA ASN A 55 -8.37 -10.66 -21.01
C ASN A 55 -7.53 -11.14 -19.83
N HIS A 56 -7.09 -12.41 -19.86
CA HIS A 56 -6.57 -13.03 -18.63
C HIS A 56 -5.20 -13.63 -18.84
N LEU A 57 -4.35 -13.52 -17.80
CA LEU A 57 -3.16 -14.33 -17.66
C LEU A 57 -3.16 -14.94 -16.26
N GLY A 58 -2.93 -16.23 -16.17
CA GLY A 58 -2.91 -16.86 -14.88
C GLY A 58 -1.74 -17.82 -14.76
N ARG A 59 -1.01 -17.72 -13.66
CA ARG A 59 -0.06 -18.75 -13.30
C ARG A 59 -0.81 -20.04 -12.99
N HIS A 60 -0.13 -21.17 -13.14
CA HIS A 60 -0.69 -22.43 -12.64
C HIS A 60 -1.07 -22.29 -11.17
N GLY A 61 -1.92 -23.20 -10.69
CA GLY A 61 -2.25 -23.24 -9.28
C GLY A 61 -1.15 -23.89 -8.45
N ALA A 62 -1.40 -23.91 -7.14
CA ALA A 62 -0.48 -24.51 -6.19
C ALA A 62 0.05 -25.86 -6.68
N ARG A 63 1.35 -26.07 -6.47
CA ARG A 63 2.06 -27.20 -7.06
C ARG A 63 3.02 -27.81 -6.06
N PHE A 64 3.39 -29.06 -6.34
CA PHE A 64 4.49 -29.69 -5.64
C PHE A 64 5.80 -28.98 -5.92
N PRO A 65 6.82 -29.22 -5.10
CA PRO A 65 8.15 -28.66 -5.39
C PRO A 65 8.66 -29.18 -6.73
N THR A 66 9.38 -28.30 -7.44
CA THR A 66 9.90 -28.68 -8.75
C THR A 66 11.25 -29.37 -8.65
N SER A 67 12.03 -29.08 -7.60
CA SER A 67 13.37 -29.60 -7.44
C SER A 67 13.51 -30.31 -6.09
N ARG A 68 14.26 -31.41 -6.08
CA ARG A 68 14.56 -32.14 -4.85
C ARG A 68 15.80 -31.60 -4.15
N LYS A 69 16.43 -30.56 -4.67
CA LYS A 69 17.73 -30.14 -4.18
C LYS A 69 17.66 -29.69 -2.71
N ALA A 70 16.67 -28.84 -2.38
CA ALA A 70 16.57 -28.39 -0.98
C ALA A 70 16.32 -29.56 -0.05
N LEU A 71 15.41 -30.46 -0.42
CA LEU A 71 15.18 -31.62 0.43
C LEU A 71 16.46 -32.43 0.63
N ASP A 72 17.22 -32.64 -0.44
CA ASP A 72 18.44 -33.43 -0.33
C ASP A 72 19.44 -32.76 0.60
N LYS A 73 19.57 -31.43 0.49
CA LYS A 73 20.54 -30.73 1.32
C LYS A 73 20.18 -30.83 2.80
N VAL A 74 18.90 -30.68 3.13
CA VAL A 74 18.49 -30.84 4.52
C VAL A 74 18.79 -32.25 4.99
N GLU A 75 18.42 -33.26 4.20
CA GLU A 75 18.62 -34.65 4.61
C GLU A 75 20.09 -34.98 4.81
N LYS A 76 20.95 -34.51 3.90
CA LYS A 76 22.37 -34.83 4.01
C LYS A 76 22.99 -34.19 5.24
N VAL A 77 22.67 -32.93 5.53
CA VAL A 77 23.20 -32.28 6.73
C VAL A 77 22.76 -33.04 7.97
N LEU A 78 21.48 -33.44 8.03
CA LEU A 78 21.00 -34.12 9.22
C LEU A 78 21.60 -35.52 9.36
N VAL A 79 21.73 -36.25 8.25
CA VAL A 79 22.31 -37.60 8.34
C VAL A 79 23.78 -37.52 8.76
N SER A 80 24.53 -36.60 8.16
CA SER A 80 25.91 -36.37 8.56
C SER A 80 26.01 -35.96 10.03
N ALA A 81 25.05 -35.17 10.52
CA ALA A 81 25.08 -34.80 11.93
C ALA A 81 24.77 -36.00 12.80
N GLN A 82 23.81 -36.81 12.39
CA GLN A 82 23.50 -38.01 13.15
C GLN A 82 24.73 -38.91 13.30
N GLN A 83 25.64 -38.88 12.33
CA GLN A 83 26.82 -39.74 12.37
C GLN A 83 27.90 -39.20 13.28
N GLU A 84 27.79 -37.97 13.73
CA GLU A 84 28.73 -37.42 14.71
C GLU A 84 28.01 -36.93 15.96
N ASN A 85 26.93 -37.61 16.35
CA ASN A 85 26.19 -37.30 17.57
C ASN A 85 25.76 -35.84 17.61
N GLY A 86 25.32 -35.33 16.47
CA GLY A 86 25.05 -33.93 16.32
C GLY A 86 23.59 -33.54 16.31
N LEU A 87 22.67 -34.47 16.51
CA LEU A 87 21.25 -34.15 16.42
C LEU A 87 20.68 -33.99 17.81
N THR A 88 19.76 -33.04 17.95
CA THR A 88 18.85 -33.04 19.08
C THR A 88 17.70 -34.01 18.80
N SER A 89 16.85 -34.21 19.81
CA SER A 89 15.65 -35.03 19.61
C SER A 89 14.78 -34.45 18.51
N GLU A 90 14.58 -33.13 18.52
CA GLU A 90 13.79 -32.52 17.46
C GLU A 90 14.50 -32.65 16.12
N GLY A 91 15.84 -32.68 16.13
CA GLY A 91 16.58 -32.94 14.90
C GLY A 91 16.31 -34.31 14.33
N MET A 92 16.21 -35.33 15.19
CA MET A 92 15.90 -36.69 14.72
C MET A 92 14.47 -36.76 14.19
N ALA A 93 13.52 -36.11 14.87
CA ALA A 93 12.17 -36.05 14.35
C ALA A 93 12.14 -35.37 12.98
N LEU A 94 12.88 -34.27 12.84
CA LEU A 94 12.94 -33.59 11.54
C LEU A 94 13.51 -34.50 10.46
N LEU A 95 14.57 -35.25 10.78
CA LEU A 95 15.15 -36.15 9.79
C LEU A 95 14.14 -37.18 9.34
N SER A 96 13.33 -37.72 10.26
CA SER A 96 12.33 -38.71 9.87
C SER A 96 11.26 -38.09 8.98
N MET A 97 10.81 -36.88 9.33
CA MET A 97 9.87 -36.16 8.49
C MET A 97 10.44 -35.88 7.11
N ILE A 98 11.72 -35.54 7.06
CA ILE A 98 12.34 -35.21 5.78
C ILE A 98 12.43 -36.45 4.90
N ARG A 99 12.76 -37.60 5.49
CA ARG A 99 12.80 -38.83 4.69
C ARG A 99 11.41 -39.20 4.20
N ARG A 100 10.38 -38.88 4.98
CA ARG A 100 9.02 -39.17 4.54
C ARG A 100 8.60 -38.26 3.39
N LEU A 101 8.90 -36.96 3.48
CA LEU A 101 8.61 -36.06 2.38
C LEU A 101 9.31 -36.52 1.09
N SER A 102 10.55 -36.99 1.20
CA SER A 102 11.25 -37.50 0.03
C SER A 102 10.45 -38.63 -0.62
N ARG A 103 9.83 -39.49 0.19
CA ARG A 103 9.02 -40.56 -0.37
C ARG A 103 7.72 -40.03 -0.94
N LEU A 104 7.10 -39.05 -0.27
CA LEU A 104 5.81 -38.57 -0.75
C LEU A 104 5.97 -37.70 -1.98
N PHE A 105 7.11 -37.02 -2.12
CA PHE A 105 7.36 -36.19 -3.30
C PHE A 105 7.77 -37.02 -4.51
N ASP A 106 8.31 -38.23 -4.30
CA ASP A 106 8.78 -39.03 -5.42
C ASP A 106 7.70 -39.18 -6.48
N GLY A 107 8.09 -38.97 -7.74
CA GLY A 107 7.15 -39.06 -8.85
C GLY A 107 6.11 -37.97 -8.91
N GLN A 108 6.20 -36.97 -8.02
CA GLN A 108 5.20 -35.90 -7.97
C GLN A 108 5.79 -34.55 -8.32
N TRP A 109 7.10 -34.47 -8.55
CA TRP A 109 7.77 -33.18 -8.62
C TRP A 109 7.10 -32.27 -9.66
N GLY A 110 6.82 -31.03 -9.24
CA GLY A 110 6.25 -30.02 -10.09
C GLY A 110 4.81 -30.21 -10.51
N LYS A 111 4.10 -31.23 -10.02
CA LYS A 111 2.72 -31.42 -10.45
CA LYS A 111 2.71 -31.41 -10.46
C LYS A 111 1.78 -30.44 -9.75
N LEU A 112 0.67 -30.14 -10.42
CA LEU A 112 -0.41 -29.38 -9.81
C LEU A 112 -1.04 -30.22 -8.71
N SER A 113 -1.26 -29.62 -7.54
CA SER A 113 -1.88 -30.34 -6.44
C SER A 113 -3.39 -30.21 -6.46
N LYS A 114 -4.05 -30.97 -5.59
CA LYS A 114 -5.49 -30.81 -5.41
C LYS A 114 -5.83 -29.38 -5.00
N LEU A 115 -5.00 -28.77 -4.16
CA LEU A 115 -5.22 -27.37 -3.84
C LEU A 115 -5.17 -26.49 -5.09
N GLY A 116 -4.17 -26.70 -5.95
CA GLY A 116 -4.08 -25.89 -7.16
C GLY A 116 -5.27 -26.03 -8.09
N GLU A 117 -5.85 -27.23 -8.14
CA GLU A 117 -7.09 -27.40 -8.90
C GLU A 117 -8.21 -26.58 -8.29
N THR A 118 -8.39 -26.67 -6.96
CA THR A 118 -9.46 -25.91 -6.34
CA THR A 118 -9.47 -25.92 -6.36
C THR A 118 -9.23 -24.41 -6.46
N GLU A 119 -7.96 -23.97 -6.45
CA GLU A 119 -7.69 -22.55 -6.67
C GLU A 119 -8.25 -22.11 -8.02
N GLN A 120 -8.01 -22.89 -9.07
CA GLN A 120 -8.50 -22.52 -10.40
C GLN A 120 -10.02 -22.57 -10.45
N GLU A 121 -10.62 -23.59 -9.84
CA GLU A 121 -12.09 -23.61 -9.79
C GLU A 121 -12.62 -22.37 -9.08
N GLY A 122 -11.92 -21.93 -8.02
CA GLY A 122 -12.38 -20.74 -7.31
C GLY A 122 -12.28 -19.49 -8.16
N ILE A 123 -11.18 -19.34 -8.92
CA ILE A 123 -11.03 -18.15 -9.75
C ILE A 123 -12.07 -18.15 -10.86
N ALA A 124 -12.26 -19.29 -11.54
CA ALA A 124 -13.32 -19.39 -12.54
C ALA A 124 -14.69 -19.16 -11.92
N GLY A 125 -14.94 -19.77 -10.76
CA GLY A 125 -16.27 -19.69 -10.18
C GLY A 125 -16.66 -18.28 -9.80
N ARG A 126 -15.72 -17.55 -9.20
CA ARG A 126 -15.99 -16.17 -8.85
C ARG A 126 -16.19 -15.33 -10.10
N MET A 127 -15.43 -15.60 -11.15
CA MET A 127 -15.60 -14.87 -12.40
C MET A 127 -17.02 -15.06 -12.94
N ILE A 128 -17.49 -16.32 -12.93
CA ILE A 128 -18.83 -16.64 -13.43
CA ILE A 128 -18.82 -16.64 -13.44
C ILE A 128 -19.90 -15.94 -12.61
N ARG A 129 -19.80 -16.03 -11.28
CA ARG A 129 -20.85 -15.43 -10.46
C ARG A 129 -20.82 -13.92 -10.52
N ASN A 130 -19.64 -13.31 -10.69
CA ASN A 130 -19.54 -11.86 -10.78
C ASN A 130 -20.02 -11.31 -12.12
N TYR A 131 -19.84 -12.06 -13.20
CA TYR A 131 -20.14 -11.57 -14.55
C TYR A 131 -20.98 -12.61 -15.30
N PRO A 132 -22.11 -13.03 -14.73
CA PRO A 132 -22.83 -14.16 -15.36
C PRO A 132 -23.29 -13.86 -16.77
N GLN A 133 -23.63 -12.61 -17.06
CA GLN A 133 -24.12 -12.28 -18.39
C GLN A 133 -23.05 -12.52 -19.45
N LEU A 134 -21.79 -12.19 -19.14
CA LEU A 134 -20.71 -12.33 -20.12
C LEU A 134 -20.51 -13.78 -20.56
N PHE A 135 -20.77 -14.73 -19.67
CA PHE A 135 -20.51 -16.14 -19.94
C PHE A 135 -21.82 -16.92 -20.12
N SER A 136 -22.90 -16.23 -20.38
CA SER A 136 -24.19 -16.88 -20.56
C SER A 136 -24.38 -17.25 -22.03
N ASN A 137 -25.53 -17.87 -22.31
CA ASN A 137 -25.92 -18.21 -23.68
C ASN A 137 -24.78 -18.98 -24.33
N SER A 138 -24.37 -18.64 -25.55
CA SER A 138 -23.35 -19.42 -26.27
C SER A 138 -22.05 -18.63 -26.34
N ALA A 139 -21.65 -18.03 -25.23
CA ALA A 139 -20.43 -17.22 -25.17
C ALA A 139 -19.23 -18.06 -25.61
N LYS A 140 -18.28 -17.42 -26.31
CA LYS A 140 -17.07 -18.08 -26.80
C LYS A 140 -15.88 -17.69 -25.95
N ILE A 141 -15.07 -18.68 -25.58
CA ILE A 141 -13.87 -18.43 -24.78
C ILE A 141 -12.72 -19.21 -25.41
N GLU A 142 -11.54 -18.61 -25.37
CA GLU A 142 -10.34 -19.31 -25.77
C GLU A 142 -9.37 -19.36 -24.60
N ALA A 143 -8.70 -20.50 -24.44
CA ALA A 143 -7.66 -20.66 -23.45
C ALA A 143 -6.44 -21.25 -24.11
N ILE A 144 -5.26 -20.76 -23.71
CA ILE A 144 -3.98 -21.32 -24.11
C ILE A 144 -3.16 -21.60 -22.86
N ALA A 145 -2.20 -22.49 -22.99
CA ALA A 145 -1.25 -22.74 -21.90
C ALA A 145 0.10 -23.08 -22.48
N THR A 146 1.12 -23.03 -21.63
CA THR A 146 2.43 -23.52 -22.04
C THR A 146 2.38 -25.05 -22.17
N TYR A 147 3.51 -25.63 -22.57
CA TYR A 147 3.67 -27.08 -22.64
C TYR A 147 3.79 -27.73 -21.27
N VAL A 148 3.91 -26.94 -20.20
CA VAL A 148 4.23 -27.53 -18.90
C VAL A 148 2.96 -28.14 -18.30
N PRO A 149 2.98 -29.41 -17.90
CA PRO A 149 1.74 -30.05 -17.40
C PRO A 149 1.00 -29.29 -16.30
N ARG A 150 1.70 -28.76 -15.29
CA ARG A 150 0.96 -28.11 -14.22
C ARG A 150 0.17 -26.93 -14.75
N SER A 151 0.68 -26.28 -15.81
CA SER A 151 -0.08 -25.17 -16.38
C SER A 151 -1.22 -25.69 -17.25
N ILE A 152 -1.00 -26.79 -17.97
CA ILE A 152 -2.08 -27.36 -18.76
C ILE A 152 -3.19 -27.88 -17.84
N ASN A 153 -2.81 -28.54 -16.76
CA ASN A 153 -3.81 -29.03 -15.81
C ASN A 153 -4.56 -27.87 -15.16
N SER A 154 -3.89 -26.74 -14.99
CA SER A 154 -4.58 -25.60 -14.40
C SER A 154 -5.64 -25.06 -15.34
N MET A 155 -5.28 -24.92 -16.61
CA MET A 155 -6.19 -24.54 -17.67
C MET A 155 -7.43 -25.42 -17.63
N ASP A 156 -7.22 -26.74 -17.51
CA ASP A 156 -8.35 -27.67 -17.58
C ASP A 156 -9.22 -27.61 -16.32
N ALA A 157 -8.60 -27.42 -15.15
CA ALA A 157 -9.39 -27.21 -13.95
C ALA A 157 -10.27 -25.99 -14.09
N PHE A 158 -9.71 -24.91 -14.63
CA PHE A 158 -10.44 -23.68 -14.91
C PHE A 158 -11.55 -23.92 -15.93
N LEU A 159 -11.20 -24.52 -17.07
CA LEU A 159 -12.19 -24.70 -18.13
C LEU A 159 -13.29 -25.66 -17.70
N SER A 160 -12.94 -26.70 -16.94
CA SER A 160 -13.95 -27.64 -16.46
C SER A 160 -14.97 -26.95 -15.58
N CYS A 161 -14.51 -26.09 -14.67
CA CYS A 161 -15.43 -25.24 -13.90
C CYS A 161 -16.35 -24.41 -14.80
N MET A 162 -15.77 -23.74 -15.79
CA MET A 162 -16.54 -22.93 -16.71
CA MET A 162 -16.56 -22.93 -16.70
C MET A 162 -17.61 -23.76 -17.43
N ILE A 163 -17.20 -24.90 -17.98
CA ILE A 163 -18.11 -25.71 -18.77
C ILE A 163 -19.20 -26.30 -17.87
N ARG A 164 -18.84 -26.72 -16.66
CA ARG A 164 -19.86 -27.27 -15.76
C ARG A 164 -20.94 -26.22 -15.45
N HIS A 165 -20.54 -24.95 -15.34
CA HIS A 165 -21.53 -23.91 -15.08
C HIS A 165 -22.37 -23.61 -16.32
N ASN A 166 -21.75 -23.64 -17.50
CA ASN A 166 -22.47 -23.37 -18.74
C ASN A 166 -21.97 -24.27 -19.85
N PRO A 167 -22.60 -25.44 -20.03
CA PRO A 167 -22.19 -26.33 -21.12
C PRO A 167 -22.40 -25.72 -22.50
N ALA A 168 -23.17 -24.63 -22.62
CA ALA A 168 -23.37 -24.01 -23.93
C ALA A 168 -22.21 -23.10 -24.34
N LEU A 169 -21.20 -22.94 -23.47
CA LEU A 169 -19.99 -22.23 -23.87
C LEU A 169 -19.37 -22.86 -25.11
N GLN A 170 -18.79 -22.01 -25.97
CA GLN A 170 -17.99 -22.46 -27.10
C GLN A 170 -16.52 -22.25 -26.73
N VAL A 171 -15.71 -23.31 -26.81
CA VAL A 171 -14.40 -23.30 -26.15
C VAL A 171 -13.32 -23.69 -27.15
N GLN A 172 -12.24 -22.91 -27.19
CA GLN A 172 -11.05 -23.31 -27.94
C GLN A 172 -9.94 -23.49 -26.92
N ARG A 173 -9.32 -24.68 -26.93
CA ARG A 173 -8.29 -25.04 -25.96
C ARG A 173 -7.04 -25.49 -26.69
N SER A 174 -5.91 -24.84 -26.42
CA SER A 174 -4.68 -25.27 -27.06
C SER A 174 -3.53 -24.93 -26.13
N GLU A 175 -2.38 -25.54 -26.41
CA GLU A 175 -1.22 -25.35 -25.55
C GLU A 175 0.02 -25.78 -26.31
N GLY A 176 1.18 -25.37 -25.81
CA GLY A 176 2.42 -25.95 -26.29
C GLY A 176 3.50 -24.91 -26.54
N LYS A 177 4.61 -25.41 -27.07
CA LYS A 177 5.79 -24.59 -27.36
C LYS A 177 5.48 -23.48 -28.34
N GLN A 178 4.44 -23.63 -29.16
CA GLN A 178 4.08 -22.56 -30.09
C GLN A 178 3.74 -21.27 -29.38
N TYR A 179 3.46 -21.30 -28.08
CA TYR A 179 3.20 -20.08 -27.32
C TYR A 179 4.40 -19.63 -26.51
N ASN A 180 5.58 -20.19 -26.78
CA ASN A 180 6.77 -19.78 -26.04
C ASN A 180 7.02 -18.29 -26.16
N HIS A 181 6.81 -17.72 -27.35
CA HIS A 181 7.19 -16.33 -27.56
CA HIS A 181 7.21 -16.34 -27.54
C HIS A 181 6.42 -15.38 -26.65
N ILE A 182 5.19 -15.72 -26.28
CA ILE A 182 4.37 -14.85 -25.44
C ILE A 182 4.23 -15.36 -24.01
N LEU A 183 4.45 -16.67 -23.75
CA LEU A 183 4.28 -17.16 -22.38
C LEU A 183 5.58 -17.63 -21.73
N ARG A 184 6.63 -17.82 -22.51
CA ARG A 184 7.91 -18.28 -22.01
C ARG A 184 9.03 -17.43 -22.59
N PHE A 185 8.75 -16.14 -22.81
CA PHE A 185 9.76 -15.24 -23.35
C PHE A 185 11.04 -15.24 -22.52
N PHE A 186 10.97 -15.64 -21.25
CA PHE A 186 12.16 -15.69 -20.41
C PHE A 186 13.11 -16.81 -20.80
N ASP A 187 12.65 -17.77 -21.59
CA ASP A 187 13.53 -18.83 -22.10
C ASP A 187 14.17 -18.49 -23.43
N LEU A 188 13.69 -17.45 -24.10
CA LEU A 188 14.04 -17.20 -25.47
C LEU A 188 15.00 -16.05 -25.67
N ASN A 189 15.22 -15.20 -24.67
CA ASN A 189 16.11 -14.05 -24.80
C ASN A 189 17.45 -14.42 -24.21
N LYS A 190 18.50 -14.40 -25.04
CA LYS A 190 19.80 -14.90 -24.59
C LYS A 190 20.40 -13.99 -23.51
N SER A 191 20.31 -12.67 -23.69
CA SER A 191 20.84 -11.79 -22.65
C SER A 191 20.14 -12.03 -21.32
N TYR A 192 18.82 -12.26 -21.34
CA TYR A 192 18.13 -12.48 -20.07
C TYR A 192 18.53 -13.82 -19.43
N VAL A 193 18.60 -14.90 -20.22
CA VAL A 193 19.02 -16.17 -19.67
C VAL A 193 20.40 -16.03 -19.01
N ASN A 194 21.32 -15.36 -19.69
CA ASN A 194 22.65 -15.12 -19.13
C ASN A 194 22.56 -14.31 -17.84
N TYR A 195 21.75 -13.24 -17.84
CA TYR A 195 21.58 -12.44 -16.62
C TYR A 195 21.04 -13.30 -15.49
N LYS A 196 20.02 -14.11 -15.79
CA LYS A 196 19.42 -14.92 -14.74
C LYS A 196 20.41 -15.92 -14.16
N GLU A 197 21.25 -16.51 -15.01
CA GLU A 197 22.15 -17.57 -14.59
C GLU A 197 23.44 -17.06 -13.98
N LYS A 198 23.96 -15.91 -14.47
CA LYS A 198 25.31 -15.45 -14.15
C LYS A 198 25.38 -13.96 -13.87
N GLY A 199 24.24 -13.27 -13.72
CA GLY A 199 24.21 -11.82 -13.70
C GLY A 199 24.69 -11.19 -12.40
N ASP A 200 24.77 -9.85 -12.41
CA ASP A 200 25.30 -9.05 -11.31
C ASP A 200 24.39 -9.03 -10.09
N TRP A 201 23.14 -9.47 -10.22
CA TRP A 201 22.27 -9.60 -9.06
C TRP A 201 22.75 -10.66 -8.08
N LEU A 202 23.49 -11.68 -8.56
CA LEU A 202 23.84 -12.79 -7.68
C LEU A 202 24.73 -12.35 -6.52
N PRO A 203 25.81 -11.61 -6.72
CA PRO A 203 26.60 -11.16 -5.56
C PRO A 203 25.80 -10.36 -4.56
N ILE A 204 24.83 -9.55 -5.04
CA ILE A 204 24.05 -8.75 -4.12
C ILE A 204 23.17 -9.64 -3.27
N TYR A 205 22.52 -10.62 -3.90
CA TYR A 205 21.64 -11.55 -3.20
C TYR A 205 22.43 -12.37 -2.19
N LYS A 206 23.58 -12.89 -2.59
CA LYS A 206 24.38 -13.68 -1.67
C LYS A 206 24.85 -12.85 -0.49
N ALA A 207 25.25 -11.59 -0.74
CA ALA A 207 25.61 -10.72 0.36
C ALA A 207 24.41 -10.45 1.26
N PHE A 208 23.24 -10.28 0.66
CA PHE A 208 22.03 -10.02 1.43
C PHE A 208 21.62 -11.23 2.29
N VAL A 209 21.67 -12.45 1.73
CA VAL A 209 21.43 -13.64 2.54
C VAL A 209 22.35 -13.67 3.76
N HIS A 210 23.64 -13.42 3.54
CA HIS A 210 24.60 -13.47 4.64
C HIS A 210 24.24 -12.46 5.73
N LYS A 211 23.83 -11.26 5.33
CA LYS A 211 23.44 -10.25 6.31
C LYS A 211 22.15 -10.64 7.01
N LYS A 212 21.19 -11.20 6.28
CA LYS A 212 19.82 -11.30 6.76
C LYS A 212 19.53 -12.61 7.50
N ILE A 213 20.07 -13.73 7.02
CA ILE A 213 19.75 -15.03 7.61
C ILE A 213 20.59 -15.20 8.87
N SER A 214 19.94 -15.40 10.00
CA SER A 214 20.61 -15.66 11.27
C SER A 214 20.42 -17.13 11.60
N PRO A 215 21.34 -18.00 11.16
CA PRO A 215 21.04 -19.45 11.20
C PRO A 215 21.07 -20.07 12.57
N VAL A 216 21.93 -19.60 13.48
CA VAL A 216 22.19 -20.36 14.70
C VAL A 216 20.92 -20.59 15.51
N PRO A 217 20.02 -19.62 15.68
CA PRO A 217 18.82 -19.91 16.49
C PRO A 217 17.89 -20.93 15.85
N ILE A 218 17.81 -20.96 14.52
CA ILE A 218 17.06 -22.03 13.86
C ILE A 218 17.77 -23.36 14.03
N MET A 219 19.06 -23.41 13.69
CA MET A 219 19.78 -24.68 13.70
C MET A 219 19.88 -25.26 15.10
N LYS A 220 19.92 -24.39 16.14
CA LYS A 220 19.99 -24.86 17.52
C LYS A 220 18.80 -25.77 17.86
N LYS A 221 17.68 -25.58 17.16
CA LYS A 221 16.54 -26.47 17.40
C LYS A 221 16.91 -27.91 17.10
N PHE A 222 17.73 -28.13 16.07
CA PHE A 222 17.92 -29.47 15.50
C PHE A 222 19.33 -30.04 15.64
N LEU A 223 20.33 -29.21 15.88
CA LEU A 223 21.72 -29.60 15.75
C LEU A 223 22.49 -29.17 16.99
N LEU A 224 23.29 -30.07 17.54
CA LEU A 224 24.21 -29.67 18.58
C LEU A 224 25.35 -28.86 17.96
N ASN A 225 25.89 -27.93 18.73
CA ASN A 225 27.01 -27.11 18.30
C ASN A 225 26.77 -26.44 16.94
N PRO A 226 25.66 -25.72 16.77
CA PRO A 226 25.42 -25.07 15.47
C PRO A 226 26.50 -24.08 15.09
N GLU A 227 27.18 -23.49 16.07
CA GLU A 227 28.23 -22.51 15.84
C GLU A 227 29.51 -23.12 15.28
N GLN A 228 29.59 -24.44 15.19
CA GLN A 228 30.73 -25.11 14.58
C GLN A 228 30.53 -25.34 13.09
N TYR A 229 29.39 -24.92 12.54
CA TYR A 229 29.17 -24.91 11.10
C TYR A 229 29.68 -23.61 10.48
N LEU A 230 30.30 -23.74 9.33
CA LEU A 230 30.64 -22.58 8.50
C LEU A 230 29.39 -21.79 8.14
N ASP A 231 29.52 -20.47 8.10
CA ASP A 231 28.41 -19.58 7.76
C ASP A 231 27.71 -20.06 6.50
N LYS A 232 28.50 -20.40 5.46
CA LYS A 232 27.93 -20.76 4.17
C LYS A 232 27.07 -22.00 4.28
N GLU A 233 27.55 -23.03 4.98
CA GLU A 233 26.76 -24.25 5.09
C GLU A 233 25.53 -24.03 5.98
N ALA A 234 25.71 -23.26 7.04
CA ALA A 234 24.58 -22.98 7.94
C ALA A 234 23.49 -22.21 7.19
N GLU A 235 23.88 -21.22 6.40
CA GLU A 235 22.90 -20.47 5.64
C GLU A 235 22.22 -21.37 4.61
N GLU A 236 22.99 -22.21 3.92
CA GLU A 236 22.41 -23.10 2.91
C GLU A 236 21.47 -24.13 3.53
N PHE A 237 21.84 -24.69 4.68
CA PHE A 237 20.93 -25.59 5.40
C PHE A 237 19.63 -24.89 5.74
N VAL A 238 19.73 -23.71 6.34
CA VAL A 238 18.53 -23.02 6.78
C VAL A 238 17.67 -22.63 5.59
N MET A 239 18.30 -22.16 4.50
CA MET A 239 17.55 -21.75 3.32
C MET A 239 16.80 -22.95 2.74
N ALA A 240 17.47 -24.10 2.68
CA ALA A 240 16.84 -25.31 2.14
C ALA A 240 15.67 -25.74 3.02
N LEU A 241 15.83 -25.66 4.34
CA LEU A 241 14.74 -26.04 5.24
C LEU A 241 13.55 -25.12 5.06
N PHE A 242 13.79 -23.81 4.99
CA PHE A 242 12.73 -22.85 4.71
C PHE A 242 12.02 -23.20 3.41
N SER A 243 12.80 -23.60 2.39
CA SER A 243 12.24 -23.93 1.09
C SER A 243 11.30 -25.13 1.15
N VAL A 244 11.70 -26.18 1.87
CA VAL A 244 10.83 -27.33 2.08
C VAL A 244 9.56 -26.90 2.83
N ALA A 245 9.73 -26.14 3.93
CA ALA A 245 8.57 -25.72 4.72
C ALA A 245 7.65 -24.80 3.92
N ALA A 246 8.21 -23.95 3.06
CA ALA A 246 7.41 -22.99 2.32
C ALA A 246 6.55 -23.65 1.25
N ILE A 247 7.02 -24.75 0.66
CA ILE A 247 6.26 -25.40 -0.41
C ILE A 247 5.22 -26.38 0.12
N LEU A 248 5.40 -26.89 1.33
CA LEU A 248 4.53 -27.95 1.82
C LEU A 248 3.05 -27.58 1.79
N PRO A 249 2.65 -26.36 2.19
CA PRO A 249 1.22 -26.00 2.14
C PRO A 249 0.64 -26.05 0.74
N ASP A 250 1.47 -26.09 -0.29
CA ASP A 250 1.01 -26.13 -1.67
C ASP A 250 0.73 -27.54 -2.18
N THR A 251 1.06 -28.57 -1.39
CA THR A 251 1.01 -29.95 -1.85
C THR A 251 -0.29 -30.67 -1.53
N SER A 252 -1.13 -30.13 -0.65
CA SER A 252 -2.31 -30.77 -0.10
C SER A 252 -1.97 -31.95 0.82
N ILE A 253 -0.70 -32.16 1.12
CA ILE A 253 -0.31 -33.18 2.10
C ILE A 253 -0.56 -32.62 3.50
N PRO A 254 -1.26 -33.34 4.38
CA PRO A 254 -1.58 -32.81 5.72
C PRO A 254 -0.40 -32.87 6.69
N LEU A 255 0.66 -32.15 6.35
CA LEU A 255 1.85 -32.05 7.17
C LEU A 255 2.32 -30.60 7.12
N ASN A 256 2.89 -30.14 8.22
CA ASN A 256 3.19 -28.72 8.38
C ASN A 256 4.53 -28.58 9.08
N LEU A 257 5.41 -27.79 8.48
CA LEU A 257 6.68 -27.44 9.08
C LEU A 257 6.78 -25.95 9.40
N GLU A 258 5.79 -25.16 9.01
CA GLU A 258 5.94 -23.73 9.14
C GLU A 258 6.13 -23.31 10.60
N ASP A 259 5.71 -24.13 11.56
CA ASP A 259 6.02 -23.83 12.95
C ASP A 259 7.44 -24.21 13.35
N LEU A 260 8.24 -24.74 12.43
CA LEU A 260 9.67 -24.86 12.69
C LEU A 260 10.35 -23.49 12.84
N PHE A 261 9.62 -22.39 12.62
CA PHE A 261 10.23 -21.08 12.53
C PHE A 261 9.33 -20.02 13.14
N THR A 262 9.95 -19.01 13.76
CA THR A 262 9.20 -17.90 14.33
C THR A 262 8.77 -16.92 13.23
N LEU A 263 7.95 -15.95 13.64
CA LEU A 263 7.53 -14.90 12.72
C LEU A 263 8.74 -14.16 12.18
N ASP A 264 9.66 -13.75 13.06
CA ASP A 264 10.82 -13.00 12.62
C ASP A 264 11.70 -13.85 11.71
N GLU A 265 11.83 -15.13 12.03
CA GLU A 265 12.64 -16.00 11.18
C GLU A 265 12.04 -16.11 9.79
N TRP A 266 10.71 -16.27 9.70
CA TRP A 266 10.05 -16.30 8.40
C TRP A 266 10.20 -14.98 7.67
N HIS A 267 10.10 -13.86 8.42
CA HIS A 267 10.27 -12.53 7.83
C HIS A 267 11.64 -12.38 7.18
N ARG A 268 12.70 -12.78 7.90
CA ARG A 268 14.04 -12.68 7.35
C ARG A 268 14.19 -13.54 6.08
N TYR A 269 13.73 -14.79 6.14
CA TYR A 269 13.79 -15.63 4.94
C TYR A 269 13.06 -14.98 3.77
N TRP A 270 11.84 -14.51 4.02
CA TRP A 270 11.05 -13.91 2.96
C TRP A 270 11.77 -12.71 2.35
N GLN A 271 12.42 -11.88 3.18
CA GLN A 271 13.12 -10.73 2.62
C GLN A 271 14.18 -11.17 1.62
N THR A 272 14.91 -12.25 1.92
CA THR A 272 15.94 -12.69 0.99
C THR A 272 15.33 -13.23 -0.31
N GLN A 273 14.23 -13.97 -0.22
CA GLN A 273 13.66 -14.55 -1.44
C GLN A 273 12.95 -13.49 -2.27
N ASN A 274 12.30 -12.54 -1.58
CA ASN A 274 11.73 -11.38 -2.25
C ASN A 274 12.77 -10.64 -3.08
N LEU A 275 13.94 -10.34 -2.49
CA LEU A 275 14.97 -9.64 -3.24
C LEU A 275 15.45 -10.48 -4.43
N ARG A 276 15.62 -11.80 -4.24
CA ARG A 276 15.91 -12.70 -5.36
C ARG A 276 14.93 -12.52 -6.50
N GLN A 277 13.63 -12.58 -6.22
CA GLN A 277 12.64 -12.43 -7.30
C GLN A 277 12.72 -11.04 -7.92
N TYR A 278 12.79 -10.00 -7.09
CA TYR A 278 12.83 -8.64 -7.59
C TYR A 278 13.98 -8.43 -8.56
N MET A 279 15.20 -8.82 -8.16
CA MET A 279 16.39 -8.55 -8.97
C MET A 279 16.46 -9.48 -10.18
N SER A 280 16.07 -10.74 -10.03
CA SER A 280 16.23 -11.65 -11.14
C SER A 280 15.06 -11.60 -12.12
N LYS A 281 13.88 -11.15 -11.70
CA LYS A 281 12.71 -11.20 -12.55
C LYS A 281 11.97 -9.87 -12.72
N SER A 282 12.38 -8.81 -12.03
CA SER A 282 11.57 -7.59 -12.10
C SER A 282 12.45 -6.36 -12.35
N SER A 283 12.11 -5.22 -11.74
CA SER A 283 12.59 -3.91 -12.20
C SER A 283 13.81 -3.41 -11.43
N ALA A 284 14.53 -4.29 -10.73
CA ALA A 284 15.68 -3.86 -9.96
C ALA A 284 16.68 -3.08 -10.81
N PRO A 285 17.28 -1.99 -10.30
CA PRO A 285 18.32 -1.29 -11.07
C PRO A 285 19.41 -2.22 -11.60
N VAL A 286 19.79 -3.25 -10.84
CA VAL A 286 20.93 -4.06 -11.25
C VAL A 286 20.61 -4.80 -12.55
N GLY A 287 19.33 -5.07 -12.82
CA GLY A 287 18.92 -5.71 -14.05
C GLY A 287 18.71 -4.78 -15.23
N LYS A 288 18.75 -3.46 -15.00
CA LYS A 288 18.65 -2.48 -16.08
C LYS A 288 17.35 -2.65 -16.87
N MET A 289 16.32 -3.18 -16.22
CA MET A 289 14.97 -3.41 -16.79
C MET A 289 14.94 -4.51 -17.83
N LEU A 290 16.07 -5.17 -18.09
CA LEU A 290 16.05 -6.31 -19.00
C LEU A 290 15.04 -7.37 -18.61
N PRO A 291 14.89 -7.71 -17.32
CA PRO A 291 13.93 -8.75 -16.96
C PRO A 291 12.50 -8.36 -17.23
N VAL A 292 12.22 -7.06 -17.22
CA VAL A 292 10.88 -6.58 -17.53
C VAL A 292 10.67 -6.44 -19.03
N ALA A 293 11.67 -5.91 -19.74
CA ALA A 293 11.47 -5.60 -21.14
C ALA A 293 11.12 -6.84 -21.95
N ILE A 294 11.62 -8.02 -21.57
CA ILE A 294 11.40 -9.21 -22.38
C ILE A 294 9.93 -9.60 -22.47
N ALA A 295 9.08 -9.05 -21.59
CA ALA A 295 7.67 -9.43 -21.59
C ALA A 295 6.85 -8.69 -22.65
N TRP A 296 7.46 -7.80 -23.45
CA TRP A 296 6.64 -6.95 -24.31
C TRP A 296 5.81 -7.72 -25.33
N PRO A 297 6.22 -8.88 -25.85
CA PRO A 297 5.32 -9.59 -26.79
C PRO A 297 4.00 -10.02 -26.16
N LEU A 298 3.97 -10.33 -24.86
CA LEU A 298 2.71 -10.71 -24.25
C LEU A 298 1.82 -9.49 -24.05
N LEU A 299 2.42 -8.36 -23.66
CA LEU A 299 1.65 -7.13 -23.57
C LEU A 299 1.13 -6.73 -24.94
N SER A 300 1.93 -6.91 -25.98
CA SER A 300 1.45 -6.64 -27.33
C SER A 300 0.29 -7.55 -27.68
N GLU A 301 0.39 -8.83 -27.31
CA GLU A 301 -0.63 -9.80 -27.68
C GLU A 301 -1.92 -9.53 -26.90
N PHE A 302 -1.79 -9.12 -25.62
CA PHE A 302 -2.96 -8.66 -24.86
C PHE A 302 -3.69 -7.53 -25.58
N ILE A 303 -2.95 -6.52 -26.02
CA ILE A 303 -3.55 -5.37 -26.68
C ILE A 303 -4.24 -5.80 -27.97
N ARG A 304 -3.58 -6.68 -28.74
CA ARG A 304 -4.16 -7.11 -30.01
C ARG A 304 -5.45 -7.90 -29.81
N SER A 305 -5.48 -8.83 -28.86
CA SER A 305 -6.71 -9.60 -28.67
C SER A 305 -7.85 -8.69 -28.23
N ALA A 306 -7.57 -7.72 -27.36
CA ALA A 306 -8.61 -6.76 -27.00
C ALA A 306 -9.06 -5.94 -28.21
N GLN A 307 -8.09 -5.44 -28.98
CA GLN A 307 -8.47 -4.60 -30.12
C GLN A 307 -9.31 -5.39 -31.10
N GLU A 308 -8.97 -6.66 -31.33
CA GLU A 308 -9.73 -7.48 -32.27
C GLU A 308 -11.14 -7.73 -31.78
N VAL A 309 -11.31 -7.91 -30.47
CA VAL A 309 -12.66 -8.08 -29.94
C VAL A 309 -13.45 -6.80 -30.12
N ILE A 310 -12.81 -5.65 -29.91
CA ILE A 310 -13.51 -4.38 -30.06
C ILE A 310 -13.88 -4.15 -31.51
N SER A 311 -12.99 -4.51 -32.43
CA SER A 311 -13.27 -4.29 -33.85
C SER A 311 -14.20 -5.33 -34.48
N GLY A 312 -14.49 -6.44 -33.81
CA GLY A 312 -15.22 -7.52 -34.46
C GLY A 312 -14.33 -8.54 -35.16
N LYS A 313 -13.03 -8.31 -35.24
CA LYS A 313 -12.11 -9.30 -35.81
C LYS A 313 -12.15 -10.58 -35.02
N SER A 314 -12.38 -10.48 -33.72
CA SER A 314 -12.60 -11.62 -32.84
C SER A 314 -13.96 -11.47 -32.17
N ASP A 315 -14.64 -12.59 -31.95
CA ASP A 315 -15.89 -12.53 -31.19
C ASP A 315 -15.80 -13.33 -29.89
N TYR A 316 -14.59 -13.49 -29.35
CA TYR A 316 -14.43 -14.11 -28.03
C TYR A 316 -14.95 -13.19 -26.95
N GLN A 317 -15.61 -13.77 -25.95
CA GLN A 317 -15.95 -13.06 -24.73
C GLN A 317 -14.81 -13.10 -23.72
N ALA A 318 -13.83 -13.98 -23.90
CA ALA A 318 -12.68 -13.98 -23.00
C ALA A 318 -11.53 -14.75 -23.63
N ASN A 319 -10.31 -14.29 -23.35
CA ASN A 319 -9.08 -15.00 -23.65
C ASN A 319 -8.39 -15.30 -22.33
N PHE A 320 -8.15 -16.57 -22.08
CA PHE A 320 -7.42 -17.05 -20.92
C PHE A 320 -6.07 -17.60 -21.32
N ARG A 321 -5.08 -17.43 -20.44
CA ARG A 321 -3.72 -17.88 -20.70
C ARG A 321 -3.13 -18.42 -19.40
N PHE A 322 -2.52 -19.60 -19.47
CA PHE A 322 -2.04 -20.27 -18.28
C PHE A 322 -0.56 -20.52 -18.40
N ALA A 323 0.21 -19.97 -17.45
CA ALA A 323 1.65 -20.00 -17.57
C ALA A 323 2.32 -20.01 -16.20
N HIS A 324 3.24 -19.07 -15.94
CA HIS A 324 4.19 -19.22 -14.84
C HIS A 324 4.42 -17.92 -14.10
N ALA A 325 5.08 -18.02 -12.93
CA ALA A 325 5.44 -16.80 -12.21
C ALA A 325 6.39 -15.94 -13.04
N GLU A 326 7.31 -16.57 -13.78
CA GLU A 326 8.21 -15.78 -14.60
CA GLU A 326 8.23 -15.84 -14.63
C GLU A 326 7.52 -15.20 -15.82
N THR A 327 6.27 -15.62 -16.10
CA THR A 327 5.43 -14.89 -17.03
C THR A 327 4.78 -13.68 -16.35
N VAL A 328 4.19 -13.92 -15.17
CA VAL A 328 3.36 -12.91 -14.53
C VAL A 328 4.19 -11.74 -14.02
N ILE A 329 5.32 -12.02 -13.37
CA ILE A 329 6.05 -10.95 -12.68
C ILE A 329 6.48 -9.88 -13.67
N PRO A 330 7.23 -10.19 -14.73
CA PRO A 330 7.63 -9.12 -15.67
C PRO A 330 6.45 -8.50 -16.43
N PHE A 331 5.41 -9.28 -16.73
CA PHE A 331 4.22 -8.73 -17.37
C PHE A 331 3.61 -7.62 -16.52
N VAL A 332 3.45 -7.88 -15.22
CA VAL A 332 2.87 -6.90 -14.31
C VAL A 332 3.74 -5.66 -14.22
N SER A 333 5.06 -5.85 -14.08
CA SER A 333 5.97 -4.70 -14.06
C SER A 333 5.89 -3.92 -15.36
N LEU A 334 5.76 -4.63 -16.49
CA LEU A 334 5.76 -3.92 -17.76
C LEU A 334 4.47 -3.11 -17.92
N MET A 335 3.35 -3.65 -17.44
CA MET A 335 2.11 -2.89 -17.43
C MET A 335 2.26 -1.60 -16.64
N GLY A 336 3.17 -1.59 -15.66
CA GLY A 336 3.34 -0.41 -14.81
C GLY A 336 2.33 -0.30 -13.70
N ILE A 337 1.71 -1.42 -13.34
CA ILE A 337 0.87 -1.43 -12.15
C ILE A 337 1.67 -0.88 -10.99
N GLU A 338 1.08 0.07 -10.29
CA GLU A 338 1.84 0.94 -9.41
C GLU A 338 2.59 0.14 -8.35
N LYS A 339 3.85 0.54 -8.15
CA LYS A 339 4.83 -0.01 -7.24
C LYS A 339 5.51 -1.26 -7.81
N THR A 340 4.90 -1.94 -8.79
CA THR A 340 5.51 -3.19 -9.26
C THR A 340 6.66 -2.96 -10.21
N ASP A 341 6.78 -1.76 -10.78
CA ASP A 341 7.92 -1.44 -11.63
C ASP A 341 8.89 -0.49 -10.92
N VAL A 342 8.76 -0.36 -9.60
CA VAL A 342 9.67 0.49 -8.84
C VAL A 342 11.10 0.01 -9.04
N GLN A 343 12.02 0.97 -9.12
CA GLN A 343 13.47 0.72 -9.27
C GLN A 343 14.18 1.20 -8.00
N VAL A 344 14.32 0.28 -7.06
CA VAL A 344 14.83 0.57 -5.72
C VAL A 344 16.34 0.37 -5.72
N CYS A 345 17.07 1.46 -5.48
CA CYS A 345 18.54 1.49 -5.49
CA CYS A 345 18.53 1.37 -5.57
C CYS A 345 19.13 0.66 -4.37
N ARG A 346 18.52 0.73 -3.19
CA ARG A 346 19.12 0.11 -2.02
C ARG A 346 18.51 -1.25 -1.78
N PRO A 347 19.28 -2.34 -1.86
CA PRO A 347 18.68 -3.68 -1.74
C PRO A 347 17.95 -3.87 -0.43
N ASP A 348 18.47 -3.32 0.66
CA ASP A 348 17.83 -3.47 1.97
C ASP A 348 16.46 -2.82 2.01
N SER A 349 16.16 -1.90 1.09
CA SER A 349 14.86 -1.22 1.07
C SER A 349 13.81 -1.90 0.19
N VAL A 350 14.20 -2.88 -0.61
CA VAL A 350 13.27 -3.45 -1.59
C VAL A 350 12.01 -3.95 -0.90
N SER A 351 12.17 -4.61 0.25
CA SER A 351 11.00 -5.29 0.85
C SER A 351 9.92 -4.31 1.26
N VAL A 352 10.29 -3.05 1.56
CA VAL A 352 9.25 -2.10 1.91
C VAL A 352 8.41 -1.69 0.70
N TYR A 353 9.01 -1.65 -0.48
CA TYR A 353 8.33 -1.10 -1.64
C TYR A 353 7.79 -2.13 -2.63
N TRP A 354 8.29 -3.37 -2.62
CA TRP A 354 7.92 -4.36 -3.64
C TRP A 354 7.78 -5.72 -2.95
N LYS A 355 6.63 -6.37 -3.13
CA LYS A 355 6.30 -7.59 -2.39
C LYS A 355 5.90 -8.69 -3.35
N ASP A 356 6.72 -9.73 -3.45
CA ASP A 356 6.45 -10.76 -4.46
C ASP A 356 5.10 -11.43 -4.22
N TYR A 357 4.73 -11.66 -2.95
CA TYR A 357 3.47 -12.36 -2.67
C TYR A 357 2.24 -11.55 -3.06
N GLU A 358 2.37 -10.23 -3.21
CA GLU A 358 1.28 -9.40 -3.70
C GLU A 358 1.14 -9.50 -5.22
N ILE A 359 2.17 -10.00 -5.90
CA ILE A 359 2.19 -10.05 -7.37
C ILE A 359 1.95 -11.47 -7.88
N SER A 360 2.77 -12.43 -7.45
CA SER A 360 2.80 -13.75 -8.07
C SER A 360 2.78 -14.87 -7.03
N PRO A 361 1.73 -14.94 -6.21
CA PRO A 361 1.52 -16.14 -5.39
C PRO A 361 1.18 -17.32 -6.29
N MET A 362 0.95 -18.50 -5.72
CA MET A 362 0.40 -19.58 -6.56
C MET A 362 -0.94 -19.13 -7.12
N ALA A 363 -1.19 -19.55 -8.37
CA ALA A 363 -2.37 -19.17 -9.17
C ALA A 363 -2.49 -17.66 -9.39
N ALA A 364 -1.41 -16.90 -9.22
CA ALA A 364 -1.45 -15.48 -9.52
C ALA A 364 -2.12 -15.23 -10.87
N ASN A 365 -2.89 -14.16 -10.97
CA ASN A 365 -3.52 -13.88 -12.25
C ASN A 365 -3.78 -12.41 -12.44
N VAL A 366 -3.81 -12.02 -13.71
CA VAL A 366 -4.13 -10.66 -14.14
C VAL A 366 -5.35 -10.74 -15.03
N GLN A 367 -6.33 -9.88 -14.78
CA GLN A 367 -7.56 -9.85 -15.56
C GLN A 367 -7.83 -8.41 -15.98
N TRP A 368 -7.93 -8.18 -17.29
CA TRP A 368 -8.41 -6.90 -17.82
C TRP A 368 -9.89 -7.05 -18.14
N LEU A 369 -10.74 -6.26 -17.49
CA LEU A 369 -12.18 -6.32 -17.71
C LEU A 369 -12.60 -5.09 -18.52
N PHE A 370 -13.19 -5.32 -19.68
CA PHE A 370 -13.57 -4.26 -20.59
C PHE A 370 -15.06 -3.99 -20.51
N TYR A 371 -15.43 -2.71 -20.48
CA TYR A 371 -16.83 -2.30 -20.40
C TYR A 371 -17.13 -1.28 -21.47
N ARG A 372 -18.40 -1.21 -21.86
CA ARG A 372 -18.89 -0.17 -22.73
C ARG A 372 -20.00 0.52 -21.95
N ASP A 373 -19.82 1.80 -21.63
CA ASP A 373 -20.89 2.47 -20.90
C ASP A 373 -22.00 2.90 -21.87
N ARG A 374 -23.06 3.50 -21.34
CA ARG A 374 -24.24 3.79 -22.14
C ARG A 374 -23.99 4.83 -23.22
N ASP A 375 -22.95 5.65 -23.08
CA ASP A 375 -22.51 6.51 -24.16
C ASP A 375 -21.52 5.81 -25.09
N GLN A 376 -21.27 4.52 -24.88
CA GLN A 376 -20.47 3.68 -25.79
C GLN A 376 -18.98 3.94 -25.68
N ARG A 377 -18.50 4.59 -24.63
CA ARG A 377 -17.05 4.69 -24.41
C ARG A 377 -16.55 3.40 -23.77
N ILE A 378 -15.34 2.99 -24.14
CA ILE A 378 -14.77 1.74 -23.64
C ILE A 378 -13.91 2.04 -22.42
N TRP A 379 -14.18 1.35 -21.32
CA TRP A 379 -13.36 1.44 -20.11
C TRP A 379 -12.71 0.10 -19.84
N VAL A 380 -11.60 0.12 -19.13
CA VAL A 380 -10.91 -1.10 -18.74
C VAL A 380 -10.62 -1.04 -17.25
N LYS A 381 -10.87 -2.16 -16.55
CA LYS A 381 -10.45 -2.34 -15.17
C LYS A 381 -9.43 -3.47 -15.10
N ILE A 382 -8.32 -3.21 -14.42
CA ILE A 382 -7.23 -4.17 -14.25
C ILE A 382 -7.38 -4.82 -12.89
N LEU A 383 -7.40 -6.16 -12.85
CA LEU A 383 -7.41 -6.85 -11.57
C LEU A 383 -6.12 -7.62 -11.41
N LEU A 384 -5.42 -7.40 -10.29
CA LEU A 384 -4.25 -8.20 -9.97
C LEU A 384 -4.66 -9.08 -8.80
N ASN A 385 -4.70 -10.39 -9.04
CA ASN A 385 -5.20 -11.33 -8.04
C ASN A 385 -6.58 -10.91 -7.54
N GLU A 386 -7.43 -10.52 -8.50
CA GLU A 386 -8.85 -10.19 -8.31
C GLU A 386 -9.07 -8.94 -7.48
N GLU A 387 -8.06 -8.09 -7.35
CA GLU A 387 -8.19 -6.79 -6.70
C GLU A 387 -7.81 -5.70 -7.67
N ALA A 388 -8.54 -4.58 -7.63
CA ALA A 388 -8.31 -3.52 -8.60
C ALA A 388 -6.91 -2.96 -8.45
N ALA A 389 -6.26 -2.73 -9.58
CA ALA A 389 -4.88 -2.28 -9.60
C ALA A 389 -4.85 -0.89 -10.22
N ALA A 390 -3.83 -0.11 -9.83
CA ALA A 390 -3.70 1.26 -10.31
C ALA A 390 -2.63 1.34 -11.39
N LEU A 391 -2.86 2.21 -12.37
CA LEU A 391 -1.87 2.67 -13.34
C LEU A 391 -1.52 4.13 -13.07
N PRO A 392 -0.30 4.56 -13.42
CA PRO A 392 0.09 5.95 -13.14
C PRO A 392 -0.45 6.92 -14.17
N ILE A 393 -1.73 6.77 -14.53
CA ILE A 393 -2.43 7.72 -15.39
C ILE A 393 -3.72 8.12 -14.68
N SER A 394 -4.32 9.21 -15.15
CA SER A 394 -5.49 9.72 -14.45
C SER A 394 -6.78 9.05 -14.92
N THR A 395 -7.77 9.01 -14.02
CA THR A 395 -9.13 8.65 -14.38
C THR A 395 -10.07 9.31 -13.41
N ALA A 396 -11.22 9.74 -13.91
CA ALA A 396 -12.25 10.34 -13.07
C ALA A 396 -13.04 9.32 -12.27
N CYS A 397 -12.90 8.02 -12.56
CA CYS A 397 -13.73 6.99 -11.94
C CYS A 397 -12.90 5.74 -11.66
N PHE A 398 -11.84 5.88 -10.86
CA PHE A 398 -11.06 4.72 -10.46
C PHE A 398 -12.00 3.71 -9.80
N PRO A 399 -11.84 2.40 -10.08
CA PRO A 399 -10.76 1.72 -10.80
C PRO A 399 -10.93 1.62 -12.32
N TYR A 400 -11.84 2.36 -12.95
CA TYR A 400 -12.06 2.24 -14.39
C TYR A 400 -11.22 3.27 -15.13
N TYR A 401 -10.44 2.81 -16.10
CA TYR A 401 -9.60 3.65 -16.93
C TYR A 401 -10.11 3.70 -18.36
N SER A 402 -9.96 4.85 -18.99
CA SER A 402 -10.23 4.92 -20.43
CA SER A 402 -10.22 4.93 -20.42
C SER A 402 -9.35 3.91 -21.14
N TRP A 403 -9.95 3.13 -22.04
CA TRP A 403 -9.15 2.16 -22.80
C TRP A 403 -8.21 2.86 -23.77
N GLU A 404 -8.68 3.94 -24.42
CA GLU A 404 -7.80 4.63 -25.34
C GLU A 404 -6.58 5.16 -24.60
N LYS A 405 -6.79 5.72 -23.42
CA LYS A 405 -5.66 6.22 -22.63
C LYS A 405 -4.77 5.06 -22.19
N THR A 406 -5.36 3.96 -21.74
CA THR A 406 -4.58 2.83 -21.26
C THR A 406 -3.80 2.17 -22.38
N ARG A 407 -4.42 2.02 -23.55
CA ARG A 407 -3.73 1.42 -24.68
C ARG A 407 -2.53 2.27 -25.12
N ILE A 408 -2.72 3.58 -25.18
CA ILE A 408 -1.60 4.47 -25.52
C ILE A 408 -0.50 4.30 -24.49
N PHE A 409 -0.86 4.25 -23.22
CA PHE A 409 0.14 4.04 -22.17
C PHE A 409 0.87 2.70 -22.39
N PHE A 410 0.11 1.61 -22.55
CA PHE A 410 0.76 0.32 -22.75
C PHE A 410 1.63 0.33 -23.99
N ASN A 411 1.18 0.99 -25.07
CA ASN A 411 2.02 1.04 -26.27
C ASN A 411 3.34 1.76 -25.99
N GLN A 412 3.31 2.83 -25.20
CA GLN A 412 4.54 3.48 -24.77
C GLN A 412 5.43 2.52 -23.98
N ARG A 413 4.85 1.77 -23.04
CA ARG A 413 5.64 0.78 -22.29
C ARG A 413 6.31 -0.20 -23.24
N ILE A 414 5.57 -0.66 -24.25
CA ILE A 414 6.12 -1.63 -25.18
C ILE A 414 7.28 -0.99 -25.94
N GLU A 415 7.11 0.25 -26.39
CA GLU A 415 8.20 0.92 -27.09
C GLU A 415 9.40 1.08 -26.18
N MET A 416 9.19 1.53 -24.93
CA MET A 416 10.30 1.55 -23.97
C MET A 416 10.98 0.18 -23.87
N ALA A 417 10.20 -0.90 -23.84
CA ALA A 417 10.79 -2.24 -23.71
C ALA A 417 11.68 -2.58 -24.90
N LYS A 418 11.23 -2.25 -26.11
CA LYS A 418 12.05 -2.51 -27.28
C LYS A 418 13.33 -1.69 -27.23
N LYS A 419 13.25 -0.44 -26.79
CA LYS A 419 14.46 0.37 -26.62
C LYS A 419 15.40 -0.24 -25.60
N THR A 420 14.86 -0.66 -24.45
CA THR A 420 15.69 -1.35 -23.45
C THR A 420 16.39 -2.55 -24.08
N LEU A 421 15.64 -3.41 -24.76
CA LEU A 421 16.25 -4.59 -25.34
C LEU A 421 17.32 -4.23 -26.37
N SER A 422 17.19 -3.09 -27.05
CA SER A 422 18.24 -2.67 -27.99
C SER A 422 19.58 -2.41 -27.30
N VAL A 423 19.58 -2.09 -26.01
CA VAL A 423 20.86 -1.96 -25.31
C VAL A 423 21.56 -3.32 -25.19
N PHE A 424 20.83 -4.42 -25.33
CA PHE A 424 21.37 -5.78 -25.25
C PHE A 424 21.12 -6.50 -26.57
N ASN A 425 22.20 -6.89 -27.24
CA ASN A 425 22.15 -7.43 -28.62
C ASN A 425 20.77 -7.92 -29.05
N HIS B 20 -2.97 -6.18 13.21
CA HIS B 20 -2.91 -5.89 14.64
C HIS B 20 -4.29 -5.39 15.02
N MET B 21 -4.85 -5.91 16.13
CA MET B 21 -6.04 -5.34 16.78
C MET B 21 -5.76 -4.01 17.49
N GLN B 22 -4.45 -3.69 17.66
CA GLN B 22 -3.81 -2.47 18.14
C GLN B 22 -3.98 -1.27 17.22
N THR B 23 -3.13 -1.21 16.20
CA THR B 23 -3.14 -0.05 15.34
C THR B 23 -4.45 0.03 14.55
N LYS B 24 -5.17 -1.08 14.38
CA LYS B 24 -6.46 -0.95 13.70
C LYS B 24 -7.39 0.01 14.46
N ILE B 25 -7.54 -0.18 15.77
CA ILE B 25 -8.38 0.76 16.53
C ILE B 25 -7.77 2.16 16.53
N GLN B 26 -6.43 2.25 16.43
CA GLN B 26 -5.81 3.57 16.27
C GLN B 26 -6.11 4.16 14.90
N LYS B 27 -5.98 3.34 13.85
CA LYS B 27 -6.33 3.80 12.50
C LYS B 27 -7.74 4.34 12.41
N TYR B 28 -8.67 3.77 13.20
CA TYR B 28 -10.06 4.17 13.11
C TYR B 28 -10.29 5.55 13.70
N ALA B 29 -9.28 6.15 14.36
CA ALA B 29 -9.39 7.55 14.73
C ALA B 29 -9.24 8.49 13.55
N GLY B 30 -8.84 7.98 12.37
CA GLY B 30 -8.77 8.83 11.20
C GLY B 30 -7.73 9.92 11.38
N ILE B 31 -8.12 11.18 11.08
CA ILE B 31 -7.12 12.23 11.21
C ILE B 31 -6.92 12.65 12.66
N ALA B 32 -7.61 12.00 13.59
CA ALA B 32 -7.24 12.13 14.99
C ALA B 32 -6.28 11.03 15.44
N MET B 33 -5.82 10.16 14.54
CA MET B 33 -4.85 9.15 14.94
C MET B 33 -3.56 9.83 15.39
N PRO B 34 -2.95 9.43 16.51
CA PRO B 34 -1.65 10.02 16.88
C PRO B 34 -0.60 9.69 15.82
N TYR B 35 0.44 10.51 15.78
CA TYR B 35 1.51 10.23 14.84
C TYR B 35 2.04 8.82 15.09
N PRO B 36 2.26 8.04 14.04
CA PRO B 36 2.73 6.67 14.21
C PRO B 36 4.15 6.62 14.75
N ASN B 37 4.48 5.48 15.35
CA ASN B 37 5.83 5.31 15.85
C ASN B 37 6.83 5.27 14.70
N ARG B 38 8.01 5.85 14.95
CA ARG B 38 9.08 5.88 13.96
C ARG B 38 10.41 5.67 14.66
N THR B 39 11.43 5.35 13.87
CA THR B 39 12.78 5.13 14.39
C THR B 39 13.78 5.78 13.44
N ASP B 40 15.02 5.90 13.91
CA ASP B 40 16.04 6.66 13.20
C ASP B 40 16.51 5.94 11.95
N SER B 41 16.96 6.73 10.97
CA SER B 41 17.51 6.21 9.73
C SER B 41 16.56 5.24 9.04
N MET B 49 23.31 9.43 1.36
CA MET B 49 23.90 10.75 1.23
C MET B 49 23.30 11.74 2.19
N THR B 50 23.87 12.95 2.19
CA THR B 50 23.37 14.04 2.99
C THR B 50 22.68 15.05 2.11
N PRO B 51 21.49 15.49 2.49
CA PRO B 51 20.83 16.53 1.71
C PRO B 51 21.52 17.86 1.95
N PHE B 52 21.39 18.76 0.98
CA PHE B 52 21.83 20.13 1.17
C PHE B 52 20.68 21.06 1.56
N TYR B 53 19.43 20.56 1.54
CA TYR B 53 18.28 21.39 1.84
C TYR B 53 17.09 20.51 2.18
N ILE B 54 16.28 20.96 3.12
CA ILE B 54 15.03 20.27 3.46
C ILE B 54 13.89 21.28 3.44
N ASN B 55 12.81 20.92 2.74
CA ASN B 55 11.63 21.75 2.58
C ASN B 55 10.50 21.01 3.28
N HIS B 56 9.88 21.63 4.30
CA HIS B 56 8.98 20.91 5.22
C HIS B 56 7.63 21.59 5.38
N LEU B 57 6.60 20.75 5.50
CA LEU B 57 5.27 21.13 5.94
C LEU B 57 4.85 20.16 7.04
N GLY B 58 4.47 20.68 8.20
CA GLY B 58 4.03 19.79 9.26
C GLY B 58 2.74 20.27 9.89
N ARG B 59 1.78 19.37 10.05
CA ARG B 59 0.64 19.67 10.89
C ARG B 59 1.10 19.77 12.34
N HIS B 60 0.34 20.51 13.16
CA HIS B 60 0.61 20.56 14.60
C HIS B 60 0.63 19.13 15.15
N GLY B 61 1.25 18.93 16.30
CA GLY B 61 1.22 17.60 16.91
C GLY B 61 -0.12 17.32 17.61
N ALA B 62 -0.22 16.09 18.12
CA ALA B 62 -1.39 15.67 18.89
C ALA B 62 -1.91 16.80 19.78
N ARG B 63 -3.23 16.98 19.78
CA ARG B 63 -3.85 18.13 20.43
C ARG B 63 -5.08 17.69 21.21
N PHE B 64 -5.52 18.57 22.11
CA PHE B 64 -6.81 18.43 22.77
C PHE B 64 -7.95 18.70 21.80
N PRO B 65 -9.17 18.33 22.17
CA PRO B 65 -10.33 18.70 21.36
C PRO B 65 -10.41 20.20 21.15
N THR B 66 -10.85 20.61 19.95
CA THR B 66 -11.01 22.02 19.62
C THR B 66 -12.36 22.57 20.06
N SER B 67 -13.35 21.70 20.17
CA SER B 67 -14.74 22.09 20.44
C SER B 67 -15.28 21.27 21.61
N ARG B 68 -15.97 21.95 22.53
CA ARG B 68 -16.70 21.34 23.64
C ARG B 68 -18.05 20.78 23.22
N LYS B 69 -18.45 20.96 21.95
CA LYS B 69 -19.81 20.62 21.54
C LYS B 69 -20.13 19.15 21.78
N ALA B 70 -19.24 18.25 21.37
CA ALA B 70 -19.53 16.83 21.52
C ALA B 70 -19.61 16.45 23.00
N LEU B 71 -18.63 16.86 23.79
CA LEU B 71 -18.70 16.59 25.23
C LEU B 71 -20.00 17.13 25.81
N ASP B 72 -20.38 18.36 25.45
CA ASP B 72 -21.60 18.95 26.00
C ASP B 72 -22.84 18.16 25.59
N LYS B 73 -22.90 17.69 24.35
CA LYS B 73 -24.09 17.00 23.91
C LYS B 73 -24.22 15.64 24.60
N VAL B 74 -23.09 14.98 24.85
CA VAL B 74 -23.13 13.70 25.56
C VAL B 74 -23.55 13.92 27.01
N GLU B 75 -22.93 14.89 27.69
CA GLU B 75 -23.26 15.15 29.09
C GLU B 75 -24.72 15.54 29.26
N LYS B 76 -25.26 16.29 28.30
CA LYS B 76 -26.63 16.78 28.45
C LYS B 76 -27.62 15.63 28.41
N VAL B 77 -27.44 14.69 27.49
CA VAL B 77 -28.32 13.52 27.42
C VAL B 77 -28.16 12.68 28.67
N LEU B 78 -26.92 12.41 29.08
CA LEU B 78 -26.70 11.57 30.26
C LEU B 78 -27.27 12.22 31.51
N VAL B 79 -27.08 13.54 31.66
CA VAL B 79 -27.59 14.22 32.85
C VAL B 79 -29.12 14.27 32.83
N SER B 80 -29.70 14.61 31.67
CA SER B 80 -31.16 14.56 31.55
C SER B 80 -31.69 13.16 31.89
N ALA B 81 -31.02 12.11 31.41
CA ALA B 81 -31.45 10.76 31.77
C ALA B 81 -31.30 10.53 33.27
N GLN B 82 -30.23 11.06 33.88
CA GLN B 82 -30.01 10.87 35.30
C GLN B 82 -31.10 11.52 36.14
N GLN B 83 -31.57 12.70 35.73
CA GLN B 83 -32.64 13.37 36.45
C GLN B 83 -33.91 12.54 36.45
N GLU B 84 -34.09 11.71 35.42
CA GLU B 84 -35.23 10.83 35.27
C GLU B 84 -35.00 9.43 35.83
N ASN B 85 -33.85 9.18 36.45
CA ASN B 85 -33.48 7.81 36.83
C ASN B 85 -33.54 6.89 35.62
N GLY B 86 -33.04 7.37 34.49
CA GLY B 86 -33.11 6.62 33.24
C GLY B 86 -31.78 6.20 32.67
N LEU B 87 -30.73 6.14 33.50
CA LEU B 87 -29.43 5.65 33.07
C LEU B 87 -29.27 4.19 33.46
N THR B 88 -28.68 3.41 32.55
CA THR B 88 -28.15 2.11 32.93
C THR B 88 -26.93 2.28 33.82
N SER B 89 -26.44 1.15 34.35
CA SER B 89 -25.20 1.17 35.11
C SER B 89 -24.04 1.68 34.27
N GLU B 90 -24.01 1.30 32.99
CA GLU B 90 -22.95 1.82 32.13
C GLU B 90 -23.18 3.29 31.78
N GLY B 91 -24.44 3.73 31.72
CA GLY B 91 -24.70 5.15 31.56
C GLY B 91 -24.15 5.97 32.71
N MET B 92 -24.33 5.49 33.94
CA MET B 92 -23.79 6.18 35.10
C MET B 92 -22.27 6.20 35.04
N ALA B 93 -21.65 5.04 34.80
CA ALA B 93 -20.20 4.99 34.64
C ALA B 93 -19.73 5.98 33.58
N LEU B 94 -20.39 5.99 32.42
CA LEU B 94 -20.02 6.93 31.36
C LEU B 94 -20.13 8.37 31.85
N LEU B 95 -21.25 8.72 32.48
CA LEU B 95 -21.42 10.09 32.98
C LEU B 95 -20.32 10.48 33.96
N SER B 96 -19.94 9.57 34.88
CA SER B 96 -18.82 9.88 35.76
C SER B 96 -17.57 10.16 34.94
N MET B 97 -17.35 9.36 33.90
CA MET B 97 -16.17 9.55 33.06
C MET B 97 -16.24 10.87 32.29
N ILE B 98 -17.43 11.22 31.80
CA ILE B 98 -17.59 12.48 31.06
C ILE B 98 -17.33 13.67 31.97
N ARG B 99 -17.83 13.62 33.20
CA ARG B 99 -17.56 14.71 34.13
C ARG B 99 -16.06 14.85 34.39
N ARG B 100 -15.37 13.72 34.50
CA ARG B 100 -13.92 13.73 34.69
C ARG B 100 -13.20 14.34 33.48
N LEU B 101 -13.59 13.91 32.27
CA LEU B 101 -13.03 14.50 31.05
C LEU B 101 -13.28 16.01 31.01
N SER B 102 -14.44 16.46 31.50
CA SER B 102 -14.70 17.89 31.54
C SER B 102 -13.64 18.62 32.38
N ARG B 103 -13.27 18.03 33.53
CA ARG B 103 -12.23 18.63 34.34
C ARG B 103 -10.88 18.58 33.63
N LEU B 104 -10.63 17.50 32.89
CA LEU B 104 -9.34 17.34 32.22
C LEU B 104 -9.24 18.24 30.99
N PHE B 105 -10.36 18.46 30.29
CA PHE B 105 -10.35 19.31 29.10
C PHE B 105 -10.35 20.78 29.45
N ASP B 106 -10.82 21.11 30.65
CA ASP B 106 -10.91 22.49 31.16
C ASP B 106 -9.65 23.31 30.89
N GLY B 107 -9.81 24.40 30.14
CA GLY B 107 -8.72 25.31 29.84
C GLY B 107 -7.68 24.79 28.87
N GLN B 108 -7.89 23.61 28.30
CA GLN B 108 -6.95 22.99 27.37
C GLN B 108 -7.46 22.93 25.94
N TRP B 109 -8.65 23.45 25.67
CA TRP B 109 -9.26 23.36 24.35
C TRP B 109 -8.28 23.76 23.26
N GLY B 110 -8.12 22.88 22.26
CA GLY B 110 -7.31 23.15 21.11
C GLY B 110 -5.81 23.23 21.33
N LYS B 111 -5.33 22.98 22.54
CA LYS B 111 -3.91 23.10 22.81
CA LYS B 111 -3.91 23.14 22.73
C LYS B 111 -3.13 21.88 22.32
N LEU B 112 -1.86 22.10 22.02
CA LEU B 112 -0.92 21.01 21.83
C LEU B 112 -0.75 20.27 23.15
N SER B 113 -0.89 18.94 23.12
CA SER B 113 -0.71 18.12 24.31
C SER B 113 0.77 17.82 24.54
N LYS B 114 1.06 17.20 25.68
CA LYS B 114 2.43 16.72 25.89
C LYS B 114 2.81 15.67 24.86
N LEU B 115 1.86 14.84 24.43
CA LEU B 115 2.17 13.91 23.36
C LEU B 115 2.55 14.65 22.10
N GLY B 116 1.82 15.73 21.79
CA GLY B 116 2.10 16.49 20.60
C GLY B 116 3.48 17.13 20.65
N GLU B 117 3.87 17.60 21.83
CA GLU B 117 5.23 18.11 21.99
C GLU B 117 6.26 17.02 21.69
N THR B 118 6.10 15.84 22.29
CA THR B 118 7.07 14.77 22.05
CA THR B 118 7.07 14.77 22.05
C THR B 118 7.07 14.32 20.60
N GLU B 119 5.90 14.33 19.94
CA GLU B 119 5.87 13.99 18.51
C GLU B 119 6.77 14.93 17.71
N GLN B 120 6.68 16.23 17.98
CA GLN B 120 7.52 17.19 17.26
C GLN B 120 8.98 17.02 17.62
N GLU B 121 9.27 16.69 18.88
CA GLU B 121 10.67 16.41 19.25
C GLU B 121 11.21 15.21 18.53
N GLY B 122 10.36 14.20 18.29
CA GLY B 122 10.83 13.03 17.56
C GLY B 122 11.11 13.34 16.11
N ILE B 123 10.26 14.17 15.48
CA ILE B 123 10.45 14.48 14.07
C ILE B 123 11.72 15.31 13.89
N ALA B 124 11.86 16.36 14.71
CA ALA B 124 13.08 17.16 14.68
C ALA B 124 14.30 16.32 15.04
N GLY B 125 14.19 15.51 16.09
CA GLY B 125 15.34 14.76 16.57
C GLY B 125 15.83 13.71 15.59
N ARG B 126 14.92 13.06 14.86
CA ARG B 126 15.37 12.12 13.83
C ARG B 126 15.93 12.85 12.61
N MET B 127 15.39 14.03 12.29
CA MET B 127 15.97 14.85 11.24
C MET B 127 17.42 15.19 11.56
N ILE B 128 17.67 15.67 12.78
CA ILE B 128 19.02 16.07 13.17
CA ILE B 128 19.02 16.07 13.19
C ILE B 128 19.96 14.88 13.15
N ARG B 129 19.52 13.75 13.71
CA ARG B 129 20.36 12.56 13.76
C ARG B 129 20.57 11.96 12.37
N ASN B 130 19.55 12.05 11.50
CA ASN B 130 19.69 11.48 10.16
C ASN B 130 20.58 12.35 9.26
N TYR B 131 20.58 13.67 9.45
CA TYR B 131 21.30 14.59 8.55
C TYR B 131 22.12 15.61 9.33
N PRO B 132 23.04 15.14 10.19
CA PRO B 132 23.77 16.08 11.07
C PRO B 132 24.58 17.13 10.33
N GLN B 133 25.18 16.79 9.19
CA GLN B 133 26.02 17.78 8.51
C GLN B 133 25.18 18.93 7.99
N LEU B 134 23.91 18.68 7.68
CA LEU B 134 23.04 19.76 7.20
C LEU B 134 22.77 20.80 8.27
N PHE B 135 22.73 20.37 9.53
CA PHE B 135 22.35 21.24 10.63
C PHE B 135 23.54 21.58 11.52
N SER B 136 24.74 21.36 11.02
CA SER B 136 25.96 21.56 11.77
C SER B 136 26.43 23.01 11.67
N ASN B 137 27.37 23.35 12.54
CA ASN B 137 28.01 24.68 12.53
C ASN B 137 26.92 25.76 12.50
N SER B 138 27.03 26.76 11.63
CA SER B 138 26.10 27.89 11.67
C SER B 138 25.03 27.78 10.60
N ALA B 139 24.49 26.57 10.39
CA ALA B 139 23.43 26.40 9.42
C ALA B 139 22.28 27.35 9.70
N LYS B 140 21.58 27.74 8.63
CA LYS B 140 20.50 28.71 8.69
C LYS B 140 19.18 28.00 8.41
N ILE B 141 18.20 28.18 9.30
CA ILE B 141 16.90 27.56 9.12
C ILE B 141 15.82 28.61 9.32
N GLU B 142 14.71 28.43 8.62
CA GLU B 142 13.54 29.28 8.80
C GLU B 142 12.30 28.43 9.04
N ALA B 143 11.45 28.87 9.97
CA ALA B 143 10.16 28.24 10.23
C ALA B 143 9.06 29.30 10.22
N ILE B 144 7.92 28.96 9.65
CA ILE B 144 6.71 29.78 9.79
C ILE B 144 5.60 28.90 10.36
N ALA B 145 4.58 29.56 10.89
CA ALA B 145 3.40 28.86 11.35
C ALA B 145 2.18 29.71 11.13
N THR B 146 1.02 29.09 11.20
CA THR B 146 -0.20 29.88 11.19
C THR B 146 -0.31 30.66 12.51
N TYR B 147 -1.43 31.37 12.66
CA TYR B 147 -1.71 32.09 13.90
C TYR B 147 -2.27 31.20 15.00
N VAL B 148 -2.54 29.94 14.69
CA VAL B 148 -3.22 29.04 15.64
C VAL B 148 -2.23 28.59 16.71
N PRO B 149 -2.52 28.81 17.99
CA PRO B 149 -1.55 28.45 19.04
C PRO B 149 -1.01 27.01 18.94
N ARG B 150 -1.83 26.01 18.68
CA ARG B 150 -1.25 24.66 18.65
C ARG B 150 -0.17 24.51 17.59
N SER B 151 -0.29 25.23 16.46
CA SER B 151 0.72 25.15 15.41
C SER B 151 1.95 25.97 15.77
N ILE B 152 1.77 27.16 16.35
CA ILE B 152 2.93 27.91 16.86
C ILE B 152 3.67 27.08 17.91
N ASN B 153 2.94 26.50 18.86
CA ASN B 153 3.59 25.70 19.89
C ASN B 153 4.29 24.47 19.29
N SER B 154 3.70 23.83 18.27
CA SER B 154 4.40 22.74 17.58
C SER B 154 5.71 23.23 16.96
N MET B 155 5.66 24.34 16.23
CA MET B 155 6.88 24.95 15.70
C MET B 155 7.92 25.18 16.80
N ASP B 156 7.49 25.66 17.97
CA ASP B 156 8.47 25.94 19.03
C ASP B 156 9.02 24.66 19.65
N ALA B 157 8.20 23.61 19.80
CA ALA B 157 8.71 22.32 20.23
C ALA B 157 9.78 21.80 19.29
N PHE B 158 9.53 21.95 17.98
CA PHE B 158 10.46 21.52 16.95
C PHE B 158 11.73 22.37 16.97
N LEU B 159 11.59 23.70 16.96
CA LEU B 159 12.74 24.58 16.96
C LEU B 159 13.57 24.43 18.24
N SER B 160 12.92 24.25 19.38
CA SER B 160 13.70 24.11 20.62
C SER B 160 14.58 22.87 20.57
N CYS B 161 14.06 21.80 20.00
CA CYS B 161 14.87 20.59 19.81
C CYS B 161 16.09 20.89 18.94
N MET B 162 15.87 21.62 17.85
CA MET B 162 16.96 21.94 16.94
CA MET B 162 16.96 21.95 16.94
C MET B 162 18.03 22.78 17.65
N ILE B 163 17.60 23.83 18.34
CA ILE B 163 18.54 24.75 18.96
C ILE B 163 19.30 24.06 20.10
N ARG B 164 18.60 23.23 20.87
CA ARG B 164 19.30 22.47 21.92
C ARG B 164 20.38 21.56 21.33
N HIS B 165 20.10 20.94 20.18
CA HIS B 165 21.11 20.10 19.54
C HIS B 165 22.27 20.94 19.02
N ASN B 166 21.97 22.11 18.43
CA ASN B 166 23.00 23.01 17.92
C ASN B 166 22.65 24.46 18.16
N PRO B 167 23.12 25.04 19.26
CA PRO B 167 22.86 26.46 19.53
C PRO B 167 23.49 27.42 18.53
N ALA B 168 24.36 26.93 17.64
CA ALA B 168 24.97 27.79 16.65
C ALA B 168 24.11 27.97 15.41
N LEU B 169 22.95 27.28 15.34
CA LEU B 169 22.00 27.53 14.25
C LEU B 169 21.61 29.01 14.20
N GLN B 170 21.44 29.52 12.99
CA GLN B 170 20.83 30.82 12.78
C GLN B 170 19.34 30.57 12.46
N VAL B 171 18.44 31.20 13.21
CA VAL B 171 17.03 30.82 13.15
C VAL B 171 16.15 32.03 12.88
N GLN B 172 15.26 31.89 11.91
CA GLN B 172 14.20 32.86 11.70
C GLN B 172 12.86 32.19 11.99
N ARG B 173 12.07 32.84 12.85
CA ARG B 173 10.83 32.29 13.39
C ARG B 173 9.74 33.33 13.19
N SER B 174 8.68 32.98 12.47
CA SER B 174 7.57 33.91 12.35
C SER B 174 6.28 33.15 12.14
N GLU B 175 5.17 33.86 12.29
CA GLU B 175 3.88 33.20 12.21
C GLU B 175 2.78 34.24 12.08
N GLY B 176 1.61 33.78 11.65
CA GLY B 176 0.43 34.64 11.70
C GLY B 176 -0.45 34.55 10.47
N LYS B 177 -1.52 35.36 10.50
CA LYS B 177 -2.50 35.41 9.41
C LYS B 177 -1.88 35.87 8.09
N GLN B 178 -0.74 36.56 8.15
CA GLN B 178 -0.08 36.92 6.90
C GLN B 178 0.27 35.67 6.09
N TYR B 179 0.34 34.51 6.72
CA TYR B 179 0.66 33.31 5.95
C TYR B 179 -0.58 32.54 5.51
N ASN B 180 -1.77 33.11 5.69
CA ASN B 180 -2.99 32.38 5.35
C ASN B 180 -3.03 31.96 3.89
N HIS B 181 -2.47 32.78 3.01
CA HIS B 181 -2.60 32.49 1.59
CA HIS B 181 -2.60 32.48 1.59
C HIS B 181 -1.85 31.22 1.20
N ILE B 182 -0.85 30.79 1.98
CA ILE B 182 -0.15 29.54 1.71
C ILE B 182 -0.40 28.44 2.74
N LEU B 183 -0.89 28.78 3.95
CA LEU B 183 -1.07 27.76 4.97
C LEU B 183 -2.53 27.52 5.34
N ARG B 184 -3.41 28.47 5.03
CA ARG B 184 -4.84 28.34 5.28
C ARG B 184 -5.60 28.80 4.06
N PHE B 185 -5.15 28.36 2.89
CA PHE B 185 -5.81 28.70 1.64
C PHE B 185 -7.27 28.26 1.64
N PHE B 186 -7.61 27.27 2.50
CA PHE B 186 -8.96 26.75 2.63
C PHE B 186 -9.89 27.75 3.29
N ASP B 187 -9.35 28.83 3.84
CA ASP B 187 -10.16 29.93 4.38
C ASP B 187 -10.31 31.09 3.42
N LEU B 188 -9.59 31.11 2.30
CA LEU B 188 -9.54 32.27 1.42
C LEU B 188 -10.34 32.08 0.15
N ASN B 189 -10.34 30.88 -0.42
CA ASN B 189 -11.06 30.67 -1.68
C ASN B 189 -12.55 30.60 -1.40
N LYS B 190 -13.31 31.58 -1.93
CA LYS B 190 -14.74 31.63 -1.66
C LYS B 190 -15.51 30.46 -2.29
N SER B 191 -15.14 30.05 -3.48
CA SER B 191 -15.77 28.85 -4.06
C SER B 191 -15.60 27.63 -3.16
N TYR B 192 -14.41 27.45 -2.59
CA TYR B 192 -14.20 26.32 -1.71
C TYR B 192 -14.95 26.49 -0.38
N VAL B 193 -14.86 27.67 0.23
CA VAL B 193 -15.60 27.91 1.46
C VAL B 193 -17.07 27.57 1.28
N ASN B 194 -17.67 28.08 0.20
CA ASN B 194 -19.05 27.70 -0.14
C ASN B 194 -19.20 26.18 -0.24
N TYR B 195 -18.32 25.54 -1.01
CA TYR B 195 -18.38 24.10 -1.17
C TYR B 195 -18.33 23.39 0.17
N LYS B 196 -17.40 23.80 1.03
CA LYS B 196 -17.22 23.13 2.30
C LYS B 196 -18.49 23.23 3.16
N GLU B 197 -19.14 24.39 3.14
CA GLU B 197 -20.29 24.65 4.01
C GLU B 197 -21.61 24.18 3.40
N LYS B 198 -21.75 24.24 2.06
CA LYS B 198 -23.05 23.95 1.46
C LYS B 198 -22.94 23.14 0.17
N GLY B 199 -21.81 22.48 -0.07
CA GLY B 199 -21.62 21.78 -1.31
C GLY B 199 -22.32 20.44 -1.37
N ASP B 200 -22.26 19.84 -2.56
CA ASP B 200 -22.97 18.61 -2.87
C ASP B 200 -22.44 17.40 -2.10
N TRP B 201 -21.35 17.55 -1.37
CA TRP B 201 -20.82 16.43 -0.62
C TRP B 201 -21.64 16.15 0.63
N LEU B 202 -22.34 17.17 1.15
CA LEU B 202 -23.06 17.04 2.41
C LEU B 202 -24.18 16.01 2.32
N PRO B 203 -25.08 16.06 1.35
CA PRO B 203 -26.11 15.02 1.26
C PRO B 203 -25.54 13.61 1.17
N ILE B 204 -24.42 13.44 0.46
CA ILE B 204 -23.79 12.12 0.35
C ILE B 204 -23.29 11.66 1.72
N TYR B 205 -22.58 12.55 2.42
CA TYR B 205 -22.08 12.21 3.76
C TYR B 205 -23.23 11.88 4.70
N LYS B 206 -24.31 12.66 4.67
CA LYS B 206 -25.42 12.45 5.60
C LYS B 206 -26.09 11.11 5.34
N ALA B 207 -26.38 10.80 4.08
CA ALA B 207 -26.95 9.49 3.76
C ALA B 207 -25.99 8.36 4.13
N PHE B 208 -24.70 8.55 3.87
CA PHE B 208 -23.71 7.53 4.22
C PHE B 208 -23.71 7.26 5.73
N VAL B 209 -23.82 8.31 6.54
CA VAL B 209 -23.83 8.15 7.99
C VAL B 209 -25.08 7.39 8.43
N HIS B 210 -26.24 7.72 7.87
CA HIS B 210 -27.47 7.02 8.21
C HIS B 210 -27.35 5.53 7.89
N LYS B 211 -26.65 5.21 6.81
CA LYS B 211 -26.52 3.82 6.37
C LYS B 211 -25.54 3.05 7.24
N LYS B 212 -24.47 3.71 7.69
CA LYS B 212 -23.39 3.01 8.38
C LYS B 212 -23.56 2.95 9.89
N ILE B 213 -24.27 3.90 10.48
CA ILE B 213 -24.31 4.08 11.93
C ILE B 213 -25.69 3.69 12.44
N SER B 214 -25.74 2.67 13.30
CA SER B 214 -26.96 2.24 13.96
C SER B 214 -26.93 2.69 15.42
N PRO B 215 -27.49 3.86 15.74
CA PRO B 215 -27.34 4.40 17.11
C PRO B 215 -28.14 3.63 18.16
N VAL B 216 -29.22 2.95 17.77
CA VAL B 216 -30.15 2.33 18.70
C VAL B 216 -29.42 1.38 19.64
N PRO B 217 -28.66 0.41 19.15
CA PRO B 217 -27.97 -0.49 20.07
C PRO B 217 -27.01 0.22 21.01
N ILE B 218 -26.36 1.28 20.51
CA ILE B 218 -25.46 2.05 21.35
C ILE B 218 -26.22 2.76 22.44
N MET B 219 -27.33 3.43 22.07
CA MET B 219 -28.13 4.14 23.07
C MET B 219 -28.55 3.22 24.20
N LYS B 220 -28.88 1.97 23.87
CA LYS B 220 -29.40 1.04 24.88
C LYS B 220 -28.32 0.59 25.85
N LYS B 221 -27.04 0.75 25.50
CA LYS B 221 -25.98 0.53 26.47
C LYS B 221 -26.16 1.44 27.67
N PHE B 222 -26.49 2.71 27.40
CA PHE B 222 -26.37 3.77 28.39
C PHE B 222 -27.71 4.26 28.94
N LEU B 223 -28.82 4.08 28.22
CA LEU B 223 -30.10 4.65 28.60
C LEU B 223 -31.17 3.57 28.73
N LEU B 224 -31.96 3.65 29.80
CA LEU B 224 -33.01 2.66 30.00
C LEU B 224 -34.10 2.75 28.94
N ASN B 225 -34.35 3.94 28.41
CA ASN B 225 -35.44 4.18 27.47
C ASN B 225 -34.94 5.07 26.34
N PRO B 226 -34.04 4.55 25.50
CA PRO B 226 -33.57 5.35 24.36
C PRO B 226 -34.66 5.64 23.34
N GLU B 227 -35.73 4.83 23.33
CA GLU B 227 -36.85 5.07 22.44
C GLU B 227 -37.42 6.48 22.57
N GLN B 228 -37.21 7.13 23.72
CA GLN B 228 -37.76 8.45 23.97
C GLN B 228 -36.99 9.52 23.20
N TYR B 229 -36.20 9.14 22.21
CA TYR B 229 -35.23 10.10 21.67
C TYR B 229 -35.42 10.48 20.21
N LEU B 230 -35.87 9.57 19.35
CA LEU B 230 -35.98 9.87 17.91
C LEU B 230 -34.66 9.58 17.22
N ASP B 231 -34.72 8.97 16.03
CA ASP B 231 -33.51 8.54 15.32
C ASP B 231 -32.45 9.64 15.27
N LYS B 232 -32.87 10.88 15.01
CA LYS B 232 -31.91 11.95 14.67
C LYS B 232 -31.06 12.33 15.88
N GLU B 233 -31.69 12.71 16.99
CA GLU B 233 -30.91 13.05 18.18
C GLU B 233 -30.08 11.87 18.66
N ALA B 234 -30.56 10.64 18.45
CA ALA B 234 -29.78 9.46 18.79
C ALA B 234 -28.47 9.44 18.00
N GLU B 235 -28.56 9.62 16.68
CA GLU B 235 -27.37 9.69 15.84
C GLU B 235 -26.44 10.81 16.32
N GLU B 236 -27.02 11.95 16.70
CA GLU B 236 -26.22 13.08 17.21
C GLU B 236 -25.47 12.70 18.47
N PHE B 237 -26.14 12.03 19.40
CA PHE B 237 -25.46 11.60 20.62
C PHE B 237 -24.33 10.64 20.29
N VAL B 238 -24.58 9.68 19.37
CA VAL B 238 -23.57 8.66 19.10
C VAL B 238 -22.38 9.24 18.36
N MET B 239 -22.61 10.08 17.36
CA MET B 239 -21.48 10.73 16.69
C MET B 239 -20.68 11.62 17.64
N ALA B 240 -21.34 12.22 18.62
CA ALA B 240 -20.60 13.02 19.61
C ALA B 240 -19.78 12.13 20.54
N LEU B 241 -20.34 10.99 20.96
CA LEU B 241 -19.59 10.06 21.79
C LEU B 241 -18.37 9.53 21.04
N PHE B 242 -18.55 9.09 19.78
CA PHE B 242 -17.39 8.71 18.98
C PHE B 242 -16.32 9.79 18.98
N SER B 243 -16.74 11.05 18.83
CA SER B 243 -15.77 12.16 18.76
C SER B 243 -15.03 12.30 20.08
N VAL B 244 -15.77 12.26 21.19
CA VAL B 244 -15.13 12.28 22.51
C VAL B 244 -14.10 11.17 22.60
N ALA B 245 -14.51 9.93 22.25
CA ALA B 245 -13.63 8.79 22.44
C ALA B 245 -12.42 8.88 21.53
N ALA B 246 -12.61 9.35 20.31
CA ALA B 246 -11.54 9.26 19.33
C ALA B 246 -10.43 10.24 19.62
N ILE B 247 -10.72 11.35 20.32
CA ILE B 247 -9.68 12.34 20.56
C ILE B 247 -8.83 12.01 21.79
N LEU B 248 -9.31 11.15 22.69
CA LEU B 248 -8.63 10.98 23.97
C LEU B 248 -7.19 10.55 23.84
N PRO B 249 -6.83 9.58 22.99
CA PRO B 249 -5.42 9.20 22.90
C PRO B 249 -4.48 10.35 22.50
N ASP B 250 -5.00 11.51 22.08
CA ASP B 250 -4.14 12.62 21.66
C ASP B 250 -3.80 13.58 22.79
N THR B 251 -4.36 13.36 23.99
CA THR B 251 -4.37 14.38 25.03
C THR B 251 -3.39 14.11 26.16
N SER B 252 -2.73 12.95 26.15
CA SER B 252 -1.83 12.51 27.22
C SER B 252 -2.57 12.24 28.51
N ILE B 253 -3.88 12.01 28.43
CA ILE B 253 -4.68 11.67 29.61
C ILE B 253 -4.63 10.16 29.76
N PRO B 254 -4.38 9.65 30.96
CA PRO B 254 -4.34 8.20 31.20
C PRO B 254 -5.73 7.59 31.26
N LEU B 255 -6.52 7.84 30.22
CA LEU B 255 -7.87 7.32 30.10
C LEU B 255 -8.11 6.97 28.63
N ASN B 256 -8.96 5.97 28.41
CA ASN B 256 -9.18 5.47 27.07
C ASN B 256 -10.58 4.90 27.00
N LEU B 257 -11.32 5.27 25.95
CA LEU B 257 -12.72 4.92 25.82
C LEU B 257 -12.98 4.03 24.61
N GLU B 258 -11.96 3.34 24.10
CA GLU B 258 -12.15 2.57 22.88
C GLU B 258 -13.16 1.44 23.11
N ASP B 259 -13.31 0.97 24.35
CA ASP B 259 -14.19 -0.17 24.61
C ASP B 259 -15.65 0.23 24.67
N LEU B 260 -15.98 1.51 24.55
CA LEU B 260 -17.39 1.89 24.44
C LEU B 260 -18.04 1.35 23.16
N PHE B 261 -17.25 1.01 22.14
CA PHE B 261 -17.78 0.56 20.86
C PHE B 261 -17.02 -0.69 20.42
N THR B 262 -17.70 -1.56 19.67
CA THR B 262 -17.01 -2.70 19.10
C THR B 262 -16.10 -2.25 17.97
N LEU B 263 -15.16 -3.12 17.62
CA LEU B 263 -14.27 -2.81 16.50
C LEU B 263 -15.08 -2.60 15.23
N ASP B 264 -16.13 -3.39 15.02
CA ASP B 264 -16.94 -3.17 13.84
C ASP B 264 -17.62 -1.81 13.88
N GLU B 265 -18.03 -1.35 15.07
CA GLU B 265 -18.64 -0.03 15.15
C GLU B 265 -17.59 1.06 14.90
N TRP B 266 -16.40 0.92 15.47
CA TRP B 266 -15.30 1.84 15.15
C TRP B 266 -15.01 1.84 13.65
N HIS B 267 -15.07 0.66 13.03
CA HIS B 267 -14.75 0.53 11.62
C HIS B 267 -15.72 1.37 10.79
N ARG B 268 -17.02 1.25 11.08
CA ARG B 268 -18.02 1.99 10.33
C ARG B 268 -17.95 3.49 10.63
N TYR B 269 -17.68 3.85 11.88
CA TYR B 269 -17.50 5.27 12.18
C TYR B 269 -16.35 5.85 11.37
N TRP B 270 -15.19 5.19 11.42
CA TRP B 270 -14.05 5.63 10.60
C TRP B 270 -14.43 5.76 9.13
N GLN B 271 -15.19 4.80 8.59
CA GLN B 271 -15.57 4.92 7.18
C GLN B 271 -16.35 6.21 6.90
N THR B 272 -17.29 6.56 7.78
CA THR B 272 -18.05 7.80 7.58
C THR B 272 -17.13 9.02 7.67
N GLN B 273 -16.20 9.03 8.62
CA GLN B 273 -15.36 10.23 8.77
C GLN B 273 -14.31 10.31 7.67
N ASN B 274 -13.80 9.15 7.24
CA ASN B 274 -12.89 9.10 6.11
C ASN B 274 -13.56 9.66 4.85
N LEU B 275 -14.81 9.28 4.60
CA LEU B 275 -15.51 9.81 3.44
C LEU B 275 -15.68 11.33 3.56
N ARG B 276 -16.05 11.79 4.74
CA ARG B 276 -16.15 13.24 4.96
C ARG B 276 -14.84 13.97 4.62
N GLN B 277 -13.69 13.46 5.09
CA GLN B 277 -12.42 14.11 4.74
C GLN B 277 -12.16 14.01 3.23
N TYR B 278 -12.37 12.82 2.65
CA TYR B 278 -12.15 12.65 1.23
C TYR B 278 -12.95 13.66 0.41
N MET B 279 -14.25 13.78 0.70
CA MET B 279 -15.09 14.60 -0.17
C MET B 279 -14.94 16.09 0.10
N SER B 280 -14.73 16.49 1.35
CA SER B 280 -14.67 17.92 1.64
C SER B 280 -13.28 18.52 1.44
N LYS B 281 -12.22 17.71 1.49
CA LYS B 281 -10.85 18.20 1.49
C LYS B 281 -9.92 17.61 0.43
N SER B 282 -10.38 16.61 -0.33
CA SER B 282 -9.47 15.96 -1.29
C SER B 282 -10.12 15.77 -2.66
N SER B 283 -9.79 14.66 -3.34
CA SER B 283 -10.01 14.54 -4.77
C SER B 283 -11.32 13.82 -5.13
N ALA B 284 -12.28 13.74 -4.21
CA ALA B 284 -13.55 13.11 -4.56
C ALA B 284 -14.13 13.72 -5.83
N PRO B 285 -14.66 12.89 -6.74
CA PRO B 285 -15.37 13.44 -7.91
C PRO B 285 -16.37 14.53 -7.58
N VAL B 286 -17.15 14.39 -6.50
CA VAL B 286 -18.19 15.38 -6.22
C VAL B 286 -17.59 16.78 -5.98
N GLY B 287 -16.32 16.85 -5.57
CA GLY B 287 -15.67 18.14 -5.41
C GLY B 287 -15.01 18.68 -6.66
N LYS B 288 -14.90 17.86 -7.70
CA LYS B 288 -14.38 18.30 -8.99
C LYS B 288 -12.98 18.89 -8.85
N MET B 289 -12.24 18.39 -7.86
CA MET B 289 -10.88 18.73 -7.53
C MET B 289 -10.76 20.15 -6.97
N LEU B 290 -11.86 20.86 -6.76
CA LEU B 290 -11.76 22.17 -6.11
C LEU B 290 -11.01 22.12 -4.78
N PRO B 291 -11.23 21.14 -3.90
CA PRO B 291 -10.53 21.12 -2.61
C PRO B 291 -9.03 20.96 -2.74
N VAL B 292 -8.57 20.28 -3.80
CA VAL B 292 -7.15 20.04 -4.03
C VAL B 292 -6.53 21.24 -4.73
N ALA B 293 -7.26 21.81 -5.70
CA ALA B 293 -6.73 22.90 -6.52
C ALA B 293 -6.32 24.10 -5.67
N ILE B 294 -7.02 24.36 -4.56
CA ILE B 294 -6.77 25.57 -3.80
C ILE B 294 -5.40 25.56 -3.14
N ALA B 295 -4.73 24.42 -3.13
CA ALA B 295 -3.43 24.31 -2.48
C ALA B 295 -2.28 24.75 -3.37
N TRP B 296 -2.53 25.15 -4.62
CA TRP B 296 -1.41 25.42 -5.51
C TRP B 296 -0.48 26.54 -5.03
N PRO B 297 -0.94 27.58 -4.33
CA PRO B 297 0.02 28.57 -3.83
C PRO B 297 1.08 27.94 -2.94
N LEU B 298 0.72 26.94 -2.13
CA LEU B 298 1.73 26.35 -1.25
C LEU B 298 2.71 25.49 -2.06
N LEU B 299 2.20 24.76 -3.05
CA LEU B 299 3.11 24.01 -3.90
C LEU B 299 4.05 24.95 -4.66
N SER B 300 3.50 26.06 -5.18
CA SER B 300 4.32 27.10 -5.75
C SER B 300 5.39 27.58 -4.78
N GLU B 301 4.98 27.91 -3.56
CA GLU B 301 5.93 28.44 -2.58
C GLU B 301 7.02 27.40 -2.27
N PHE B 302 6.65 26.11 -2.22
CA PHE B 302 7.66 25.07 -1.97
C PHE B 302 8.72 25.05 -3.06
N ILE B 303 8.28 25.00 -4.31
CA ILE B 303 9.20 25.01 -5.45
C ILE B 303 10.07 26.26 -5.39
N ARG B 304 9.43 27.42 -5.22
CA ARG B 304 10.17 28.67 -5.20
C ARG B 304 11.24 28.67 -4.12
N SER B 305 10.91 28.17 -2.92
CA SER B 305 11.91 28.21 -1.87
C SER B 305 13.07 27.26 -2.17
N ALA B 306 12.79 26.10 -2.75
CA ALA B 306 13.86 25.20 -3.16
C ALA B 306 14.70 25.84 -4.25
N GLN B 307 14.04 26.48 -5.23
CA GLN B 307 14.79 27.09 -6.34
C GLN B 307 15.69 28.23 -5.86
N GLU B 308 15.22 29.02 -4.89
CA GLU B 308 16.07 30.09 -4.38
C GLU B 308 17.34 29.53 -3.75
N VAL B 309 17.24 28.42 -3.03
CA VAL B 309 18.42 27.79 -2.46
C VAL B 309 19.30 27.19 -3.55
N ILE B 310 18.71 26.45 -4.48
CA ILE B 310 19.52 25.81 -5.52
C ILE B 310 20.26 26.85 -6.34
N SER B 311 19.60 27.98 -6.61
CA SER B 311 20.17 29.02 -7.44
C SER B 311 21.21 29.86 -6.72
N GLY B 312 21.22 29.84 -5.39
CA GLY B 312 22.07 30.73 -4.63
C GLY B 312 21.42 32.03 -4.21
N LYS B 313 20.19 32.30 -4.62
CA LYS B 313 19.51 33.48 -4.10
C LYS B 313 19.44 33.45 -2.59
N SER B 314 19.30 32.25 -2.02
CA SER B 314 19.05 32.05 -0.60
C SER B 314 20.07 31.06 -0.07
N ASP B 315 20.40 31.16 1.22
CA ASP B 315 21.37 30.22 1.75
C ASP B 315 20.83 29.50 2.99
N TYR B 316 19.52 29.24 2.99
CA TYR B 316 18.93 28.37 4.01
C TYR B 316 19.31 26.92 3.77
N GLN B 317 19.48 26.20 4.87
CA GLN B 317 19.58 24.76 4.85
C GLN B 317 18.23 24.08 5.06
N ALA B 318 17.21 24.82 5.52
CA ALA B 318 15.91 24.22 5.74
C ALA B 318 14.83 25.30 5.84
N ASN B 319 13.66 25.01 5.29
CA ASN B 319 12.46 25.79 5.52
C ASN B 319 11.39 24.89 6.13
N PHE B 320 10.90 25.27 7.31
CA PHE B 320 9.85 24.55 8.02
C PHE B 320 8.55 25.36 8.04
N ARG B 321 7.42 24.65 7.99
CA ARG B 321 6.09 25.27 8.01
C ARG B 321 5.18 24.44 8.90
N PHE B 322 4.45 25.10 9.81
CA PHE B 322 3.58 24.42 10.76
C PHE B 322 2.15 24.89 10.60
N ALA B 323 1.25 23.94 10.33
CA ALA B 323 -0.12 24.29 9.97
C ALA B 323 -1.11 23.20 10.39
N HIS B 324 -1.92 22.69 9.45
CA HIS B 324 -3.14 21.94 9.81
C HIS B 324 -3.39 20.78 8.86
N ALA B 325 -4.30 19.90 9.26
CA ALA B 325 -4.69 18.79 8.39
C ALA B 325 -5.26 19.32 7.08
N GLU B 326 -6.04 20.41 7.15
CA GLU B 326 -6.63 21.01 5.97
C GLU B 326 -5.59 21.66 5.06
N THR B 327 -4.38 21.90 5.59
CA THR B 327 -3.25 22.25 4.74
C THR B 327 -2.63 21.01 4.09
N VAL B 328 -2.40 19.98 4.89
CA VAL B 328 -1.64 18.81 4.44
C VAL B 328 -2.44 18.02 3.40
N ILE B 329 -3.71 17.78 3.65
CA ILE B 329 -4.45 16.81 2.82
C ILE B 329 -4.46 17.29 1.38
N PRO B 330 -4.96 18.50 1.06
CA PRO B 330 -4.95 18.90 -0.36
C PRO B 330 -3.57 19.11 -0.93
N PHE B 331 -2.59 19.53 -0.11
CA PHE B 331 -1.22 19.63 -0.59
C PHE B 331 -0.70 18.27 -1.07
N VAL B 332 -0.93 17.22 -0.28
CA VAL B 332 -0.47 15.89 -0.67
C VAL B 332 -1.17 15.44 -1.94
N SER B 333 -2.48 15.65 -2.03
CA SER B 333 -3.20 15.25 -3.25
C SER B 333 -2.69 16.01 -4.47
N LEU B 334 -2.37 17.29 -4.29
CA LEU B 334 -1.95 18.12 -5.42
C LEU B 334 -0.56 17.72 -5.89
N MET B 335 0.34 17.38 -4.95
CA MET B 335 1.61 16.78 -5.35
C MET B 335 1.41 15.53 -6.19
N GLY B 336 0.28 14.84 -6.04
CA GLY B 336 0.07 13.61 -6.78
C GLY B 336 0.79 12.42 -6.21
N ILE B 337 1.11 12.45 -4.91
CA ILE B 337 1.65 11.26 -4.27
C ILE B 337 0.68 10.11 -4.48
N GLU B 338 1.20 8.98 -4.93
CA GLU B 338 0.34 7.99 -5.57
C GLU B 338 -0.78 7.52 -4.66
N LYS B 339 -1.98 7.51 -5.24
CA LYS B 339 -3.22 7.09 -4.61
C LYS B 339 -3.87 8.20 -3.78
N THR B 340 -3.11 9.22 -3.35
CA THR B 340 -3.73 10.28 -2.53
C THR B 340 -4.62 11.22 -3.32
N ASP B 341 -4.54 11.19 -4.66
CA ASP B 341 -5.41 11.98 -5.53
C ASP B 341 -6.39 11.11 -6.30
N VAL B 342 -6.59 9.86 -5.86
CA VAL B 342 -7.48 8.94 -6.59
C VAL B 342 -8.89 9.52 -6.59
N GLN B 343 -9.62 9.26 -7.69
CA GLN B 343 -10.98 9.77 -7.84
C GLN B 343 -11.93 8.58 -7.89
N VAL B 344 -12.65 8.34 -6.80
CA VAL B 344 -13.51 7.18 -6.62
C VAL B 344 -14.95 7.67 -6.66
N CYS B 345 -15.75 7.15 -7.60
CA CYS B 345 -17.12 7.63 -7.74
CA CYS B 345 -17.12 7.64 -7.74
C CYS B 345 -18.12 6.88 -6.89
N ARG B 346 -17.75 5.72 -6.35
CA ARG B 346 -18.65 4.98 -5.50
C ARG B 346 -18.32 5.29 -4.05
N PRO B 347 -19.16 6.04 -3.32
CA PRO B 347 -18.83 6.39 -1.92
C PRO B 347 -18.42 5.21 -1.04
N ASP B 348 -19.09 4.05 -1.14
CA ASP B 348 -18.70 2.94 -0.27
C ASP B 348 -17.39 2.28 -0.70
N SER B 349 -16.81 2.69 -1.82
CA SER B 349 -15.52 2.12 -2.20
C SER B 349 -14.36 3.00 -1.78
N VAL B 350 -14.62 4.21 -1.33
CA VAL B 350 -13.53 5.16 -1.03
C VAL B 350 -12.58 4.57 0.00
N SER B 351 -13.12 4.01 1.10
CA SER B 351 -12.28 3.56 2.20
C SER B 351 -11.33 2.46 1.76
N VAL B 352 -11.61 1.79 0.65
CA VAL B 352 -10.69 0.78 0.16
C VAL B 352 -9.48 1.40 -0.49
N TYR B 353 -9.65 2.56 -1.12
CA TYR B 353 -8.61 3.14 -1.95
C TYR B 353 -7.97 4.41 -1.39
N TRP B 354 -8.52 4.99 -0.33
CA TRP B 354 -8.05 6.27 0.21
C TRP B 354 -8.27 6.26 1.71
N LYS B 355 -7.19 6.47 2.50
CA LYS B 355 -7.19 6.30 3.95
C LYS B 355 -6.65 7.57 4.61
N ASP B 356 -7.52 8.28 5.32
CA ASP B 356 -7.14 9.59 5.84
C ASP B 356 -6.01 9.50 6.85
N TYR B 357 -5.99 8.43 7.65
CA TYR B 357 -4.92 8.27 8.63
C TYR B 357 -3.57 7.99 7.97
N GLU B 358 -3.53 7.53 6.71
CA GLU B 358 -2.24 7.39 6.03
C GLU B 358 -1.69 8.72 5.55
N ILE B 359 -2.52 9.74 5.42
CA ILE B 359 -2.11 11.05 4.91
C ILE B 359 -1.91 12.06 6.03
N SER B 360 -2.89 12.17 6.93
CA SER B 360 -2.93 13.31 7.86
C SER B 360 -3.30 12.88 9.29
N PRO B 361 -2.50 11.99 9.88
CA PRO B 361 -2.60 11.79 11.33
C PRO B 361 -2.16 13.07 12.03
N MET B 362 -2.32 13.10 13.36
CA MET B 362 -1.65 14.14 14.15
C MET B 362 -0.18 14.19 13.78
N ALA B 363 0.35 15.42 13.71
CA ALA B 363 1.76 15.73 13.38
C ALA B 363 2.14 15.29 11.97
N ALA B 364 1.16 15.02 11.12
CA ALA B 364 1.44 14.65 9.73
C ALA B 364 2.41 15.64 9.09
N ASN B 365 3.35 15.12 8.30
CA ASN B 365 4.30 16.07 7.72
C ASN B 365 4.80 15.58 6.36
N VAL B 366 5.13 16.55 5.51
CA VAL B 366 5.77 16.31 4.23
C VAL B 366 7.17 16.92 4.29
N GLN B 367 8.16 16.15 3.84
CA GLN B 367 9.53 16.65 3.79
C GLN B 367 10.06 16.39 2.40
N TRP B 368 10.57 17.44 1.75
CA TRP B 368 11.37 17.29 0.53
C TRP B 368 12.84 17.39 0.91
N LEU B 369 13.61 16.34 0.63
CA LEU B 369 15.05 16.31 0.93
C LEU B 369 15.81 16.41 -0.38
N PHE B 370 16.66 17.43 -0.50
CA PHE B 370 17.36 17.70 -1.74
C PHE B 370 18.82 17.28 -1.65
N TYR B 371 19.31 16.66 -2.73
CA TYR B 371 20.65 16.09 -2.73
C TYR B 371 21.36 16.50 -4.01
N ARG B 372 22.67 16.70 -3.89
CA ARG B 372 23.54 16.93 -5.04
C ARG B 372 24.52 15.78 -5.11
N ASP B 373 24.55 15.08 -6.25
CA ASP B 373 25.37 13.89 -6.34
C ASP B 373 26.77 14.22 -6.86
N ARG B 374 27.57 13.16 -7.04
CA ARG B 374 28.94 13.27 -7.56
C ARG B 374 29.03 14.21 -8.76
N ASP B 375 28.09 14.07 -9.70
CA ASP B 375 28.08 14.83 -10.94
C ASP B 375 27.36 16.16 -10.81
N GLN B 376 27.00 16.58 -9.60
CA GLN B 376 26.36 17.86 -9.35
C GLN B 376 24.91 17.88 -9.78
N ARG B 377 24.32 16.73 -10.08
CA ARG B 377 22.91 16.67 -10.43
C ARG B 377 22.07 16.74 -9.15
N ILE B 378 20.90 17.37 -9.26
CA ILE B 378 20.01 17.57 -8.12
C ILE B 378 18.93 16.51 -8.12
N TRP B 379 18.77 15.85 -6.97
CA TRP B 379 17.75 14.85 -6.72
C TRP B 379 16.91 15.28 -5.53
N VAL B 380 15.67 14.79 -5.49
CA VAL B 380 14.78 15.06 -4.37
C VAL B 380 14.14 13.76 -3.92
N LYS B 381 14.05 13.59 -2.60
CA LYS B 381 13.28 12.51 -1.99
C LYS B 381 12.10 13.12 -1.26
N ILE B 382 10.91 12.55 -1.46
CA ILE B 382 9.68 13.05 -0.84
C ILE B 382 9.31 12.12 0.29
N LEU B 383 9.18 12.64 1.50
CA LEU B 383 8.78 11.84 2.66
C LEU B 383 7.39 12.26 3.10
N LEU B 384 6.47 11.29 3.23
CA LEU B 384 5.15 11.54 3.80
C LEU B 384 5.10 10.82 5.14
N ASN B 385 5.06 11.59 6.21
CA ASN B 385 5.11 11.01 7.55
C ASN B 385 6.34 10.12 7.69
N GLU B 386 7.43 10.60 7.08
CA GLU B 386 8.79 10.06 7.23
C GLU B 386 8.98 8.75 6.50
N GLU B 387 8.09 8.42 5.59
CA GLU B 387 8.22 7.27 4.71
C GLU B 387 8.31 7.76 3.28
N ALA B 388 9.16 7.13 2.48
CA ALA B 388 9.36 7.59 1.11
C ALA B 388 8.08 7.45 0.32
N ALA B 389 7.74 8.49 -0.44
CA ALA B 389 6.51 8.54 -1.20
C ALA B 389 6.80 8.42 -2.68
N ALA B 390 5.84 7.86 -3.41
CA ALA B 390 5.95 7.68 -4.85
C ALA B 390 5.15 8.74 -5.61
N LEU B 391 5.74 9.23 -6.68
CA LEU B 391 5.11 10.06 -7.69
C LEU B 391 4.93 9.25 -8.96
N PRO B 392 3.89 9.56 -9.80
CA PRO B 392 3.67 8.82 -11.05
C PRO B 392 4.63 9.24 -12.17
N ILE B 393 5.92 9.35 -11.82
CA ILE B 393 6.98 9.60 -12.79
C ILE B 393 8.08 8.60 -12.53
N SER B 394 8.93 8.41 -13.53
CA SER B 394 9.91 7.35 -13.48
C SER B 394 11.17 7.84 -12.79
N THR B 395 11.82 6.93 -12.07
CA THR B 395 13.17 7.12 -11.60
C THR B 395 13.88 5.79 -11.54
N ALA B 396 15.17 5.81 -11.84
CA ALA B 396 16.01 4.62 -11.77
C ALA B 396 16.60 4.38 -10.38
N CYS B 397 16.32 5.26 -9.41
CA CYS B 397 16.88 5.09 -8.06
C CYS B 397 15.85 5.56 -7.01
N PHE B 398 14.66 5.00 -7.08
CA PHE B 398 13.67 5.27 -6.06
C PHE B 398 14.32 5.02 -4.70
N PRO B 399 14.05 5.84 -3.69
CA PRO B 399 13.06 6.93 -3.60
C PRO B 399 13.57 8.28 -4.10
N TYR B 400 14.71 8.34 -4.80
CA TYR B 400 15.27 9.60 -5.28
C TYR B 400 14.77 9.91 -6.68
N TYR B 401 14.18 11.09 -6.85
CA TYR B 401 13.70 11.57 -8.13
C TYR B 401 14.58 12.71 -8.64
N SER B 402 14.73 12.79 -9.95
CA SER B 402 15.39 13.95 -10.54
CA SER B 402 15.38 13.94 -10.56
C SER B 402 14.59 15.21 -10.23
N TRP B 403 15.26 16.22 -9.69
CA TRP B 403 14.53 17.44 -9.35
C TRP B 403 13.94 18.09 -10.60
N GLU B 404 14.69 18.08 -11.70
CA GLU B 404 14.15 18.73 -12.88
C GLU B 404 12.84 18.08 -13.31
N LYS B 405 12.81 16.75 -13.35
CA LYS B 405 11.58 16.06 -13.71
C LYS B 405 10.48 16.31 -12.68
N THR B 406 10.83 16.26 -11.39
CA THR B 406 9.83 16.49 -10.36
C THR B 406 9.27 17.91 -10.43
N ARG B 407 10.12 18.90 -10.67
CA ARG B 407 9.66 20.29 -10.71
C ARG B 407 8.71 20.51 -11.87
N ILE B 408 9.07 20.02 -13.06
CA ILE B 408 8.18 20.06 -14.21
C ILE B 408 6.85 19.41 -13.87
N PHE B 409 6.88 18.25 -13.23
CA PHE B 409 5.63 17.57 -12.88
C PHE B 409 4.77 18.43 -11.95
N PHE B 410 5.37 18.95 -10.87
CA PHE B 410 4.63 19.80 -9.93
C PHE B 410 4.11 21.06 -10.60
N ASN B 411 4.88 21.63 -11.54
CA ASN B 411 4.38 22.79 -12.28
C ASN B 411 3.16 22.44 -13.12
N GLN B 412 3.12 21.23 -13.68
CA GLN B 412 1.92 20.80 -14.40
C GLN B 412 0.73 20.69 -13.46
N ARG B 413 0.95 20.14 -12.27
CA ARG B 413 -0.11 20.05 -11.28
C ARG B 413 -0.63 21.44 -10.93
N ILE B 414 0.28 22.39 -10.75
CA ILE B 414 -0.15 23.76 -10.48
C ILE B 414 -0.98 24.30 -11.64
N GLU B 415 -0.54 24.06 -12.87
CA GLU B 415 -1.33 24.53 -14.00
C GLU B 415 -2.70 23.88 -14.01
N MET B 416 -2.77 22.57 -13.72
CA MET B 416 -4.07 21.92 -13.63
C MET B 416 -4.95 22.58 -12.58
N ALA B 417 -4.36 22.92 -11.41
CA ALA B 417 -5.13 23.54 -10.34
C ALA B 417 -5.65 24.91 -10.74
N LYS B 418 -4.80 25.71 -11.39
CA LYS B 418 -5.25 27.00 -11.90
C LYS B 418 -6.40 26.83 -12.89
N LYS B 419 -6.30 25.86 -13.79
CA LYS B 419 -7.40 25.66 -14.73
C LYS B 419 -8.67 25.24 -14.00
N THR B 420 -8.54 24.37 -12.99
CA THR B 420 -9.70 24.02 -12.16
C THR B 420 -10.31 25.27 -11.53
N LEU B 421 -9.47 26.13 -10.97
CA LEU B 421 -10.00 27.31 -10.28
C LEU B 421 -10.58 28.34 -11.24
N SER B 422 -10.18 28.32 -12.51
CA SER B 422 -10.83 29.20 -13.48
C SER B 422 -12.28 28.78 -13.73
N VAL B 423 -12.57 27.48 -13.61
CA VAL B 423 -13.94 26.99 -13.80
C VAL B 423 -14.85 27.47 -12.69
N PHE B 424 -14.32 27.67 -11.49
CA PHE B 424 -15.05 28.31 -10.39
C PHE B 424 -14.70 29.80 -10.33
N ASN B 425 -15.02 30.48 -11.43
CA ASN B 425 -14.80 31.92 -11.60
C ASN B 425 -13.74 32.50 -10.66
C1 IHS C . 9.97 -22.74 -13.09
O1 IHS C . 9.11 -23.39 -14.04
S1 IHS C . 8.98 -22.74 -15.42
C2 IHS C . 11.19 -23.61 -12.80
O2 IHS C . 10.43 -22.69 -16.14
S2 IHS C . 11.15 -26.15 -13.36
C3 IHS C . 11.99 -23.04 -11.64
O3 IHS C . 8.08 -23.48 -16.26
S3 IHS C . 14.45 -23.36 -12.06
C4 IHS C . 11.22 -22.80 -10.35
O4 IHS C . 8.49 -21.39 -15.26
S4 IHS C . 12.36 -22.90 -8.06
C5 IHS C . 10.08 -21.85 -10.70
S5 IHS C . 9.08 -20.16 -9.03
C6 IHS C . 9.20 -22.43 -11.80
S6 IHS C . 6.63 -21.90 -11.95
O12 IHS C . 10.71 -24.92 -12.52
O13 IHS C . 13.14 -23.87 -11.46
O14 IHS C . 12.09 -22.18 -9.40
O15 IHS C . 9.28 -21.61 -9.54
O16 IHS C . 8.13 -21.53 -12.10
O22 IHS C . 11.89 -25.75 -14.53
O23 IHS C . 14.44 -23.51 -13.49
O24 IHS C . 13.13 -21.99 -7.26
O25 IHS C . 10.36 -19.74 -8.51
O26 IHS C . 5.86 -20.70 -12.16
O32 IHS C . 12.09 -27.09 -12.44
O33 IHS C . 14.58 -21.78 -11.66
O34 IHS C . 11.15 -23.22 -7.36
O35 IHS C . 8.65 -19.22 -10.27
O36 IHS C . 6.29 -22.90 -12.96
O42 IHS C . 9.93 -26.83 -13.75
O43 IHS C . 15.55 -24.11 -11.52
O44 IHS C . 13.23 -24.22 -8.46
O45 IHS C . 8.09 -20.25 -8.00
O46 IHS C . 6.42 -22.48 -10.46
H1 IHS C . 10.32 -21.80 -13.53
H2 IHS C . 11.87 -23.65 -13.66
HO2 IHS C . 11.07 -22.00 -15.90
H3 IHS C . 12.29 -22.01 -11.91
H4 IHS C . 10.84 -23.74 -9.92
H5 IHS C . 10.50 -20.90 -11.04
H6 IHS C . 8.82 -23.39 -11.42
HO32 IHS C . 12.25 -28.02 -12.70
HO33 IHS C . 15.43 -21.42 -11.37
HO35 IHS C . 7.72 -19.03 -10.41
HO44 IHS C . 12.79 -24.99 -8.83
HO46 IHS C . 5.54 -22.51 -10.07
C1 IHS D . -9.54 22.88 12.48
O1 IHS D . -8.61 23.90 12.83
S1 IHS D . -8.05 24.81 11.72
C2 IHS D . -10.90 23.24 13.08
O2 IHS D . -9.28 25.68 11.14
S2 IHS D . -11.06 24.87 15.17
C3 IHS D . -11.91 22.13 12.86
O3 IHS D . -7.04 25.64 12.35
S3 IHS D . -14.25 23.18 12.64
C4 IHS D . -11.43 20.81 13.40
O4 IHS D . -7.52 23.99 10.67
S4 IHS D . -13.10 19.00 14.11
C5 IHS D . -10.10 20.46 12.73
S5 IHS D . -9.43 18.06 12.14
C6 IHS D . -9.02 21.52 12.95
S6 IHS D . -6.51 20.90 12.78
O12 IHS D . -10.71 23.52 14.48
O13 IHS D . -13.11 22.58 13.49
O14 IHS D . -12.36 19.78 13.04
O15 IHS D . -9.60 19.19 13.16
O16 IHS D . -7.89 21.15 12.17
O22 IHS D . -11.13 25.94 14.23
O23 IHS D . -13.78 24.38 12.01
O24 IHS D . -13.84 17.95 13.46
O25 IHS D . -10.72 17.64 11.67
O26 IHS D . -5.57 20.48 11.79
O32 IHS D . -12.50 24.66 15.89
O33 IHS D . -14.68 22.04 11.56
O34 IHS D . -12.20 18.43 15.08
O35 IHS D . -8.57 18.57 10.85
O36 IHS D . -6.08 22.14 13.37
O42 IHS D . -10.01 25.17 16.11
O43 IHS D . -15.29 23.60 13.54
O44 IHS D . -14.09 20.01 14.89
O45 IHS D . -8.77 16.99 12.85
O46 IHS D . -6.65 19.81 13.96
H1 IHS D . -9.65 22.79 11.39
H2 IHS D . -11.29 24.15 12.58
HO2 IHS D . -9.70 26.36 11.69
H3 IHS D . -12.09 21.95 11.79
H4 IHS D . -11.32 20.85 14.49
H5 IHS D . -10.31 20.42 11.65
H6 IHS D . -8.75 21.59 14.02
HO32 IHS D . -12.57 24.14 16.70
HO33 IHS D . -15.60 21.71 11.53
HO35 IHS D . -8.38 17.97 10.11
HO44 IHS D . -14.56 19.72 15.69
HO46 IHS D . -7.03 18.94 13.78
#